data_3ICT
#
_entry.id   3ICT
#
_cell.length_a   67.620
_cell.length_b   110.550
_cell.length_c   80.080
_cell.angle_alpha   90.00
_cell.angle_beta   101.84
_cell.angle_gamma   90.00
#
_symmetry.space_group_name_H-M   'P 1 21 1'
#
loop_
_entity.id
_entity.type
_entity.pdbx_description
1 polymer 'Coenzyme A-Disulfide Reductase'
2 non-polymer 'FLAVIN-ADENINE DINUCLEOTIDE'
3 non-polymer 'COENZYME A'
4 non-polymer "ADENOSINE-5'-DIPHOSPHATE"
5 water water
#
_entity_poly.entity_id   1
_entity_poly.type   'polypeptide(L)'
_entity_poly.pdbx_seq_one_letter_code
;(MSE)GGSHHHHHHG(MSE)AS(MSE)TGGQQ(MSE)GRTLYDDDDKDRWGSRKIVVVGGVAGGASVAARLRRLSEEDEI
I(MSE)VERGEYISFANCGLPYYIGGVITERQKLLVQTVER(MSE)SKRFNLDIRVLSEVVKINKEEKTITIKNVTTNET
YNEAYDVLILSPGAKPIVPSIPGIEEAKALFTLRNVPDTDRIKAYIDEKKPRHATVIGGGFIGVE(MSE)VENLRERGIE
VTLVE(MSE)ANQV(MSE)PPIDYE(MSE)AAYVHEH(MSE)KNHDVELVFEDGVDALEENGAVVRLKSGSVIQTD
(MSE)LILAIGVQPESSLAKGAGLALGVRGTIKVNEKFQTSDPHIYAIGDAIEVKDFVTETET(MSE)IPLAWPANRQGR
(MSE)LADIIHGHTDSLYKGTLGTSVAKVFDLTVATTGLNEKILKRLNIPYEVVHVQANSHAGYYPNATPVLIKLIFNKD
SGKIYGAQTLGRDGVDKR(MSE)DVIATAIKANLTVLDLPDLELSYAPPYSSAKDPVN(MSE)VGYAASNIVDGFVDTVQ
WHEIDRIVENGGYLIDVREPNELKQG(MSE)IKGSINIPLDELRDRLEEVPVDKDIYITCQLG(MSE)RGYVAAR(MSE)
L(MSE)EKGYKVKNVDGGFKLYGTVLPERIVY
;
_entity_poly.pdbx_strand_id   A,B
#
# COMPACT_ATOMS: atom_id res chain seq x y z
N ASP A 32 -14.24 -41.82 5.90
CA ASP A 32 -14.16 -40.78 4.82
C ASP A 32 -12.86 -40.02 4.75
N ARG A 33 -12.65 -39.33 3.64
CA ARG A 33 -11.41 -38.58 3.42
C ARG A 33 -11.32 -38.08 1.99
N TRP A 34 -10.60 -38.81 1.15
CA TRP A 34 -10.47 -38.47 -0.25
C TRP A 34 -10.19 -39.66 -1.15
N GLY A 35 -11.05 -39.88 -2.13
CA GLY A 35 -10.80 -40.89 -3.15
C GLY A 35 -9.98 -40.29 -4.26
N SER A 36 -8.86 -40.93 -4.59
CA SER A 36 -7.98 -40.42 -5.63
C SER A 36 -8.71 -40.34 -6.96
N ARG A 37 -8.41 -39.29 -7.73
CA ARG A 37 -8.94 -39.17 -9.10
C ARG A 37 -7.93 -38.66 -10.14
N LYS A 38 -8.27 -38.81 -11.40
CA LYS A 38 -7.47 -38.32 -12.49
C LYS A 38 -7.97 -36.93 -12.89
N ILE A 39 -7.12 -35.95 -12.73
CA ILE A 39 -7.46 -34.57 -13.00
C ILE A 39 -6.64 -34.09 -14.18
N VAL A 40 -7.30 -33.61 -15.21
CA VAL A 40 -6.60 -33.11 -16.40
C VAL A 40 -6.75 -31.58 -16.44
N VAL A 41 -5.64 -30.86 -16.57
CA VAL A 41 -5.65 -29.40 -16.61
C VAL A 41 -5.25 -28.93 -18.02
N VAL A 42 -6.08 -28.09 -18.63
CA VAL A 42 -5.80 -27.60 -19.97
C VAL A 42 -5.31 -26.17 -19.86
N GLY A 43 -4.02 -25.98 -20.14
CA GLY A 43 -3.38 -24.69 -19.96
C GLY A 43 -2.41 -24.76 -18.80
N GLY A 44 -1.17 -24.39 -19.04
CA GLY A 44 -0.13 -24.49 -18.01
C GLY A 44 0.51 -23.19 -17.58
N VAL A 45 -0.26 -22.10 -17.58
CA VAL A 45 0.25 -20.81 -17.17
C VAL A 45 -0.55 -20.34 -15.97
N ALA A 46 -0.87 -19.06 -15.88
CA ALA A 46 -1.58 -18.52 -14.70
C ALA A 46 -2.65 -19.43 -14.05
N GLY A 47 -3.80 -19.62 -14.70
CA GLY A 47 -4.83 -20.46 -14.07
C GLY A 47 -4.41 -21.91 -13.87
N GLY A 48 -3.87 -22.53 -14.92
CA GLY A 48 -3.53 -23.95 -14.91
C GLY A 48 -2.47 -24.32 -13.90
N ALA A 49 -1.34 -23.60 -13.94
CA ALA A 49 -0.24 -23.87 -13.01
C ALA A 49 -0.67 -23.71 -11.55
N SER A 50 -1.42 -22.67 -11.24
CA SER A 50 -1.76 -22.46 -9.83
C SER A 50 -2.71 -23.53 -9.28
N VAL A 51 -3.62 -24.02 -10.12
CA VAL A 51 -4.50 -25.10 -9.70
C VAL A 51 -3.75 -26.42 -9.55
N ALA A 52 -2.83 -26.73 -10.46
CA ALA A 52 -2.12 -27.97 -10.41
C ALA A 52 -1.27 -28.09 -9.16
N ALA A 53 -0.59 -27.02 -8.82
CA ALA A 53 0.34 -27.02 -7.69
C ALA A 53 -0.40 -27.23 -6.39
N ARG A 54 -1.48 -26.47 -6.16
CA ARG A 54 -2.27 -26.62 -4.95
C ARG A 54 -2.95 -28.01 -4.89
N LEU A 55 -3.44 -28.52 -6.02
CA LEU A 55 -4.06 -29.85 -6.02
C LEU A 55 -3.08 -30.92 -5.52
N ARG A 56 -1.82 -30.80 -5.90
CA ARG A 56 -0.79 -31.74 -5.45
C ARG A 56 -0.50 -31.62 -3.94
N ARG A 57 -0.42 -30.39 -3.46
CA ARG A 57 -0.31 -30.14 -2.03
C ARG A 57 -1.46 -30.76 -1.23
N LEU A 58 -2.64 -30.83 -1.86
CA LEU A 58 -3.84 -31.36 -1.20
C LEU A 58 -3.90 -32.88 -1.23
N SER A 59 -3.27 -33.52 -2.22
CA SER A 59 -3.32 -34.99 -2.38
C SER A 59 -2.13 -35.53 -3.18
N GLU A 60 -1.41 -36.50 -2.62
CA GLU A 60 -0.31 -37.17 -3.31
C GLU A 60 -0.78 -38.23 -4.29
N GLU A 61 -1.98 -38.73 -4.05
CA GLU A 61 -2.48 -39.90 -4.77
C GLU A 61 -3.08 -39.56 -6.14
N ASP A 62 -3.64 -38.37 -6.28
CA ASP A 62 -4.28 -37.94 -7.55
C ASP A 62 -3.29 -37.97 -8.72
N GLU A 63 -3.77 -38.40 -9.88
CA GLU A 63 -2.99 -38.25 -11.11
C GLU A 63 -3.35 -36.91 -11.71
N ILE A 64 -2.38 -36.02 -11.84
CA ILE A 64 -2.64 -34.71 -12.36
C ILE A 64 -1.87 -34.55 -13.65
N ILE A 65 -2.60 -34.28 -14.73
CA ILE A 65 -1.99 -34.14 -16.06
C ILE A 65 -2.22 -32.71 -16.51
N VAL A 67 -1.82 -30.13 -19.72
CA VAL A 67 -1.62 -30.18 -21.18
C VAL A 67 -1.46 -28.74 -21.64
N GLU A 68 -0.33 -28.44 -22.27
CA GLU A 68 -0.04 -27.05 -22.71
C GLU A 68 0.42 -27.10 -24.15
N ARG A 69 -0.14 -26.22 -24.99
CA ARG A 69 0.21 -26.28 -26.40
C ARG A 69 1.53 -25.61 -26.76
N GLY A 70 1.99 -24.67 -25.95
CA GLY A 70 3.28 -24.09 -26.19
C GLY A 70 4.40 -24.91 -25.60
N GLU A 71 5.63 -24.43 -25.76
CA GLU A 71 6.82 -25.13 -25.31
C GLU A 71 7.06 -24.98 -23.81
N TYR A 72 6.44 -23.95 -23.22
CA TYR A 72 6.76 -23.52 -21.89
C TYR A 72 5.53 -23.46 -20.99
N ILE A 73 5.72 -23.86 -19.74
CA ILE A 73 4.72 -23.67 -18.71
C ILE A 73 5.15 -22.53 -17.78
N SER A 74 4.19 -21.90 -17.11
CA SER A 74 4.46 -20.89 -16.08
C SER A 74 5.47 -19.80 -16.46
N PHE A 75 5.40 -19.33 -17.70
CA PHE A 75 6.25 -18.22 -18.08
C PHE A 75 5.53 -16.93 -17.67
N ALA A 76 6.27 -15.82 -17.64
CA ALA A 76 5.73 -14.56 -17.18
C ALA A 76 5.40 -13.72 -18.38
N ASN A 77 4.17 -13.85 -18.90
CA ASN A 77 3.84 -13.07 -20.10
C ASN A 77 3.64 -11.61 -19.84
N CYS A 78 3.40 -11.26 -18.58
CA CYS A 78 3.36 -9.86 -18.16
C CYS A 78 4.74 -9.22 -18.30
N GLY A 79 5.79 -10.05 -18.38
CA GLY A 79 7.15 -9.57 -18.53
C GLY A 79 7.58 -9.37 -19.97
N LEU A 80 6.85 -9.99 -20.90
CA LEU A 80 7.20 -9.99 -22.32
C LEU A 80 7.57 -8.62 -22.89
N PRO A 81 6.72 -7.59 -22.66
CA PRO A 81 7.05 -6.27 -23.20
C PRO A 81 8.40 -5.79 -22.69
N TYR A 82 8.68 -6.03 -21.41
CA TYR A 82 9.92 -5.60 -20.79
C TYR A 82 11.12 -6.32 -21.36
N TYR A 83 10.93 -7.54 -21.80
CA TYR A 83 12.02 -8.26 -22.43
C TYR A 83 12.34 -7.63 -23.79
N ILE A 84 11.29 -7.24 -24.51
CA ILE A 84 11.45 -6.57 -25.81
C ILE A 84 12.15 -5.22 -25.66
N GLY A 85 11.77 -4.49 -24.61
CA GLY A 85 12.39 -3.21 -24.30
C GLY A 85 13.80 -3.35 -23.73
N GLY A 86 14.23 -4.56 -23.42
CA GLY A 86 15.59 -4.80 -22.91
C GLY A 86 15.72 -4.45 -21.44
N VAL A 87 14.59 -4.14 -20.81
CA VAL A 87 14.57 -3.90 -19.38
C VAL A 87 14.90 -5.21 -18.68
N ILE A 88 14.34 -6.31 -19.21
CA ILE A 88 14.71 -7.65 -18.80
C ILE A 88 15.66 -8.20 -19.87
N THR A 89 16.88 -8.54 -19.46
CA THR A 89 17.95 -8.85 -20.40
C THR A 89 18.17 -10.35 -20.61
N GLU A 90 17.69 -11.16 -19.67
CA GLU A 90 17.83 -12.60 -19.75
C GLU A 90 16.47 -13.21 -20.08
N ARG A 91 16.36 -13.82 -21.26
CA ARG A 91 15.15 -14.54 -21.67
C ARG A 91 14.77 -15.62 -20.67
N GLN A 92 15.79 -16.29 -20.11
CA GLN A 92 15.57 -17.36 -19.16
C GLN A 92 14.86 -16.85 -17.90
N LYS A 93 14.89 -15.55 -17.68
CA LYS A 93 14.23 -14.96 -16.53
C LYS A 93 12.71 -14.95 -16.63
N LEU A 94 12.18 -15.03 -17.85
CA LEU A 94 10.74 -15.09 -18.08
C LEU A 94 10.19 -16.47 -17.77
N LEU A 95 11.08 -17.45 -17.67
CA LEU A 95 10.71 -18.83 -17.37
C LEU A 95 10.83 -19.08 -15.86
N VAL A 96 9.73 -18.81 -15.16
CA VAL A 96 9.68 -18.89 -13.70
C VAL A 96 9.88 -20.32 -13.21
N GLN A 97 9.24 -21.27 -13.91
CA GLN A 97 9.31 -22.69 -13.61
C GLN A 97 9.60 -23.46 -14.90
N THR A 98 10.48 -24.46 -14.81
CA THR A 98 10.77 -25.33 -15.94
C THR A 98 9.89 -26.58 -15.84
N VAL A 99 9.64 -27.23 -16.97
CA VAL A 99 8.86 -28.46 -17.01
C VAL A 99 9.48 -29.53 -16.10
N GLU A 100 10.77 -29.79 -16.34
CA GLU A 100 11.53 -30.77 -15.59
C GLU A 100 11.45 -30.53 -14.08
N ARG A 101 11.78 -29.31 -13.65
CA ARG A 101 11.76 -28.96 -12.23
C ARG A 101 10.36 -29.12 -11.65
N SER A 103 7.62 -30.72 -12.75
CA SER A 103 7.00 -32.04 -12.80
C SER A 103 7.56 -32.93 -11.69
N LYS A 104 8.86 -32.81 -11.46
CA LYS A 104 9.55 -33.46 -10.34
C LYS A 104 9.08 -32.99 -8.95
N ARG A 105 9.04 -31.68 -8.72
CA ARG A 105 8.62 -31.13 -7.44
C ARG A 105 7.18 -31.52 -7.11
N PHE A 106 6.31 -31.47 -8.10
CA PHE A 106 4.89 -31.75 -7.87
C PHE A 106 4.42 -33.08 -8.46
N ASN A 107 5.35 -33.93 -8.92
CA ASN A 107 4.96 -35.23 -9.45
C ASN A 107 3.82 -35.06 -10.45
N LEU A 108 4.01 -34.18 -11.40
CA LEU A 108 3.00 -33.84 -12.38
C LEU A 108 3.40 -34.39 -13.74
N ASP A 109 2.39 -34.81 -14.50
CA ASP A 109 2.59 -35.31 -15.87
C ASP A 109 2.33 -34.09 -16.73
N ILE A 110 3.39 -33.37 -17.10
CA ILE A 110 3.24 -32.14 -17.84
C ILE A 110 3.52 -32.42 -19.31
N ARG A 111 2.55 -32.11 -20.15
CA ARG A 111 2.67 -32.41 -21.57
C ARG A 111 2.63 -31.11 -22.34
N VAL A 112 3.80 -30.53 -22.54
CA VAL A 112 3.94 -29.33 -23.37
C VAL A 112 3.89 -29.71 -24.86
N LEU A 113 3.71 -28.70 -25.72
CA LEU A 113 3.59 -28.96 -27.15
C LEU A 113 2.48 -29.95 -27.43
N SER A 114 1.44 -29.91 -26.60
CA SER A 114 0.32 -30.81 -26.72
C SER A 114 -0.95 -30.00 -26.75
N GLU A 115 -1.72 -30.17 -27.82
CA GLU A 115 -2.90 -29.38 -27.99
C GLU A 115 -4.14 -30.23 -27.83
N VAL A 116 -5.04 -29.76 -26.97
CA VAL A 116 -6.35 -30.37 -26.82
C VAL A 116 -7.21 -29.83 -27.95
N VAL A 117 -7.71 -30.73 -28.77
CA VAL A 117 -8.47 -30.33 -29.94
C VAL A 117 -9.96 -30.61 -29.82
N LYS A 118 -10.32 -31.48 -28.88
CA LYS A 118 -11.71 -31.85 -28.66
C LYS A 118 -11.96 -32.39 -27.26
N ILE A 119 -13.08 -32.00 -26.69
CA ILE A 119 -13.57 -32.56 -25.43
C ILE A 119 -14.76 -33.46 -25.72
N ASN A 120 -14.65 -34.70 -25.28
CA ASN A 120 -15.70 -35.70 -25.45
C ASN A 120 -16.37 -35.85 -24.08
N LYS A 121 -17.35 -35.01 -23.79
CA LYS A 121 -17.79 -34.88 -22.41
C LYS A 121 -18.61 -36.05 -21.90
N GLU A 122 -19.29 -36.78 -22.79
CA GLU A 122 -20.06 -37.97 -22.38
C GLU A 122 -19.18 -39.19 -22.22
N GLU A 123 -18.17 -39.27 -23.06
CA GLU A 123 -17.15 -40.32 -23.00
C GLU A 123 -16.17 -40.01 -21.86
N LYS A 124 -16.17 -38.76 -21.39
CA LYS A 124 -15.16 -38.23 -20.42
C LYS A 124 -13.72 -38.46 -20.88
N THR A 125 -13.44 -38.05 -22.11
CA THR A 125 -12.09 -38.07 -22.62
C THR A 125 -11.87 -36.77 -23.36
N ILE A 126 -10.61 -36.44 -23.58
CA ILE A 126 -10.22 -35.35 -24.47
C ILE A 126 -9.29 -35.94 -25.50
N THR A 127 -9.25 -35.31 -26.67
CA THR A 127 -8.33 -35.68 -27.72
C THR A 127 -7.18 -34.71 -27.69
N ILE A 128 -5.98 -35.24 -27.67
CA ILE A 128 -4.80 -34.42 -27.58
C ILE A 128 -3.93 -34.67 -28.81
N LYS A 129 -3.42 -33.61 -29.40
CA LYS A 129 -2.46 -33.72 -30.49
C LYS A 129 -1.07 -33.33 -29.98
N ASN A 130 -0.15 -34.29 -29.96
CA ASN A 130 1.25 -34.01 -29.75
C ASN A 130 1.75 -33.26 -30.99
N VAL A 131 2.08 -31.98 -30.81
CA VAL A 131 2.45 -31.11 -31.92
C VAL A 131 3.82 -31.49 -32.53
N THR A 132 4.70 -32.07 -31.71
CA THR A 132 5.98 -32.57 -32.19
C THR A 132 5.79 -33.73 -33.17
N THR A 133 5.32 -34.87 -32.66
CA THR A 133 5.28 -36.10 -33.43
C THR A 133 4.01 -36.29 -34.28
N ASN A 134 3.11 -35.31 -34.24
CA ASN A 134 1.82 -35.39 -34.94
C ASN A 134 0.87 -36.50 -34.46
N GLU A 135 1.25 -37.23 -33.42
CA GLU A 135 0.40 -38.29 -32.88
C GLU A 135 -0.76 -37.71 -32.07
N THR A 136 -1.95 -38.27 -32.26
CA THR A 136 -3.10 -37.88 -31.46
C THR A 136 -3.58 -39.07 -30.66
N TYR A 137 -4.15 -38.79 -29.49
CA TYR A 137 -4.62 -39.82 -28.60
C TYR A 137 -5.71 -39.24 -27.72
N ASN A 138 -6.47 -40.13 -27.09
CA ASN A 138 -7.54 -39.72 -26.18
C ASN A 138 -7.08 -39.90 -24.74
N GLU A 139 -7.43 -38.97 -23.87
CA GLU A 139 -7.05 -39.03 -22.46
C GLU A 139 -8.31 -39.02 -21.60
N ALA A 140 -8.48 -40.08 -20.80
CA ALA A 140 -9.63 -40.18 -19.92
C ALA A 140 -9.45 -39.22 -18.74
N TYR A 141 -10.53 -38.60 -18.28
CA TYR A 141 -10.42 -37.78 -17.08
C TYR A 141 -11.56 -38.09 -16.12
N ASP A 142 -11.34 -37.83 -14.84
CA ASP A 142 -12.45 -37.81 -13.89
C ASP A 142 -12.92 -36.35 -13.71
N VAL A 143 -11.97 -35.43 -13.75
CA VAL A 143 -12.21 -34.01 -13.62
C VAL A 143 -11.39 -33.31 -14.70
N LEU A 144 -12.03 -32.38 -15.39
CA LEU A 144 -11.35 -31.57 -16.39
C LEU A 144 -11.35 -30.11 -16.02
N ILE A 145 -10.17 -29.49 -16.08
CA ILE A 145 -10.07 -28.06 -15.74
C ILE A 145 -9.59 -27.28 -16.94
N LEU A 146 -10.43 -26.37 -17.40
CA LEU A 146 -10.12 -25.58 -18.55
C LEU A 146 -9.58 -24.22 -18.13
N SER A 147 -8.35 -23.94 -18.53
CA SER A 147 -7.80 -22.60 -18.30
C SER A 147 -7.11 -22.12 -19.59
N PRO A 148 -7.88 -21.98 -20.68
CA PRO A 148 -7.33 -21.73 -22.01
C PRO A 148 -6.98 -20.28 -22.34
N GLY A 149 -7.38 -19.34 -21.49
CA GLY A 149 -6.98 -17.97 -21.65
C GLY A 149 -7.76 -17.15 -22.66
N ALA A 150 -7.13 -16.08 -23.12
CA ALA A 150 -7.68 -15.15 -24.07
C ALA A 150 -6.71 -15.01 -25.23
N LYS A 151 -7.22 -14.92 -26.47
CA LYS A 151 -6.38 -14.67 -27.63
C LYS A 151 -6.54 -13.24 -28.16
N PRO A 152 -5.48 -12.71 -28.79
CA PRO A 152 -5.50 -11.36 -29.37
C PRO A 152 -6.54 -11.22 -30.48
N ILE A 153 -7.32 -10.14 -30.44
CA ILE A 153 -8.22 -9.85 -31.52
C ILE A 153 -7.38 -9.40 -32.72
N VAL A 154 -7.52 -10.09 -33.85
CA VAL A 154 -6.90 -9.65 -35.11
C VAL A 154 -7.99 -9.18 -36.08
N PRO A 155 -7.98 -7.88 -36.42
CA PRO A 155 -9.03 -7.29 -37.23
C PRO A 155 -8.88 -7.61 -38.72
N SER A 156 -10.00 -7.67 -39.42
CA SER A 156 -9.96 -7.84 -40.87
C SER A 156 -9.73 -6.51 -41.59
N ILE A 157 -8.50 -5.99 -41.47
CA ILE A 157 -8.04 -4.82 -42.19
C ILE A 157 -7.47 -5.28 -43.54
N PRO A 158 -7.83 -4.60 -44.64
CA PRO A 158 -7.26 -4.99 -45.93
C PRO A 158 -5.76 -4.71 -45.99
N GLY A 159 -4.98 -5.73 -46.39
CA GLY A 159 -3.53 -5.62 -46.48
C GLY A 159 -2.81 -6.26 -45.30
N ILE A 160 -3.58 -6.69 -44.29
CA ILE A 160 -3.02 -7.29 -43.07
C ILE A 160 -2.33 -8.63 -43.33
N GLU A 161 -2.82 -9.38 -44.32
CA GLU A 161 -2.24 -10.68 -44.71
C GLU A 161 -0.85 -10.52 -45.32
N GLU A 162 -0.70 -9.45 -46.10
CA GLU A 162 0.57 -9.13 -46.78
C GLU A 162 1.49 -8.27 -45.91
N ALA A 163 1.03 -7.89 -44.72
CA ALA A 163 1.84 -7.08 -43.81
C ALA A 163 2.93 -7.92 -43.18
N LYS A 164 4.17 -7.59 -43.50
CA LYS A 164 5.34 -8.39 -43.13
C LYS A 164 5.88 -8.09 -41.72
N ALA A 165 5.76 -6.84 -41.28
CA ALA A 165 6.28 -6.47 -39.97
C ALA A 165 5.13 -6.13 -39.01
N LEU A 166 4.11 -6.99 -39.00
CA LEU A 166 2.95 -6.85 -38.13
C LEU A 166 2.99 -7.95 -37.07
N PHE A 167 2.92 -7.56 -35.81
CA PHE A 167 3.06 -8.49 -34.70
C PHE A 167 1.99 -8.29 -33.64
N THR A 168 1.58 -9.41 -33.04
CA THR A 168 0.79 -9.45 -31.82
C THR A 168 1.70 -10.04 -30.75
N LEU A 169 1.28 -9.95 -29.50
CA LEU A 169 2.11 -10.42 -28.41
C LEU A 169 1.28 -11.22 -27.41
N ARG A 170 1.52 -12.52 -27.32
CA ARG A 170 0.86 -13.36 -26.32
C ARG A 170 1.84 -14.27 -25.60
N ASN A 171 2.74 -14.92 -26.34
CA ASN A 171 3.63 -15.92 -25.77
C ASN A 171 5.08 -15.67 -26.12
N VAL A 172 5.96 -16.54 -25.63
CA VAL A 172 7.39 -16.41 -25.86
C VAL A 172 7.77 -16.38 -27.36
N PRO A 173 7.29 -17.36 -28.18
CA PRO A 173 7.62 -17.29 -29.62
C PRO A 173 7.28 -15.97 -30.33
N ASP A 174 6.14 -15.35 -29.98
CA ASP A 174 5.76 -14.01 -30.52
C ASP A 174 6.81 -12.97 -30.14
N THR A 175 7.25 -13.06 -28.89
CA THR A 175 8.27 -12.17 -28.35
C THR A 175 9.62 -12.36 -29.06
N ASP A 176 10.04 -13.61 -29.23
CA ASP A 176 11.30 -13.90 -29.91
C ASP A 176 11.28 -13.36 -31.35
N ARG A 177 10.15 -13.49 -32.05
CA ARG A 177 9.98 -12.98 -33.41
C ARG A 177 10.11 -11.45 -33.49
N ILE A 178 9.42 -10.74 -32.60
CA ILE A 178 9.49 -9.28 -32.58
C ILE A 178 10.89 -8.81 -32.25
N LYS A 179 11.52 -9.46 -31.28
CA LYS A 179 12.84 -9.06 -30.85
C LYS A 179 13.88 -9.34 -31.95
N ALA A 180 13.77 -10.50 -32.60
CA ALA A 180 14.64 -10.84 -33.71
C ALA A 180 14.50 -9.80 -34.81
N TYR A 181 13.27 -9.32 -35.04
CA TYR A 181 13.01 -8.38 -36.10
C TYR A 181 13.72 -7.05 -35.80
N ILE A 182 13.59 -6.58 -34.57
CA ILE A 182 14.23 -5.34 -34.15
C ILE A 182 15.75 -5.40 -34.35
N ASP A 183 16.36 -6.52 -33.94
CA ASP A 183 17.81 -6.71 -34.01
C ASP A 183 18.34 -6.85 -35.44
N GLU A 184 17.64 -7.63 -36.26
CA GLU A 184 18.10 -7.90 -37.61
C GLU A 184 17.71 -6.81 -38.62
N LYS A 185 16.52 -6.21 -38.48
CA LYS A 185 16.03 -5.24 -39.47
C LYS A 185 16.14 -3.77 -39.05
N LYS A 186 16.34 -3.52 -37.77
CA LYS A 186 16.62 -2.17 -37.25
C LYS A 186 15.51 -1.12 -37.52
N PRO A 187 14.26 -1.42 -37.15
CA PRO A 187 13.20 -0.45 -37.44
C PRO A 187 13.52 0.88 -36.79
N ARG A 188 13.16 1.98 -37.43
CA ARG A 188 13.32 3.32 -36.84
C ARG A 188 11.99 3.92 -36.34
N HIS A 189 10.89 3.42 -36.88
CA HIS A 189 9.58 3.89 -36.46
C HIS A 189 8.65 2.71 -36.28
N ALA A 190 7.82 2.75 -35.23
CA ALA A 190 6.83 1.74 -34.99
C ALA A 190 5.46 2.36 -34.80
N THR A 191 4.43 1.66 -35.25
CA THR A 191 3.06 2.07 -34.99
C THR A 191 2.43 1.02 -34.11
N VAL A 192 1.74 1.47 -33.08
CA VAL A 192 1.06 0.59 -32.17
C VAL A 192 -0.38 0.91 -32.36
N ILE A 193 -1.16 -0.10 -32.69
CA ILE A 193 -2.57 0.07 -32.90
C ILE A 193 -3.22 -0.47 -31.66
N GLY A 194 -3.97 0.41 -30.98
CA GLY A 194 -4.65 0.07 -29.74
C GLY A 194 -3.99 0.67 -28.51
N GLY A 195 -4.70 1.56 -27.85
CA GLY A 195 -4.16 2.22 -26.65
C GLY A 195 -4.57 1.65 -25.29
N GLY A 196 -4.85 0.36 -25.22
CA GLY A 196 -5.11 -0.31 -23.92
C GLY A 196 -3.87 -0.36 -23.04
N PHE A 197 -3.96 -1.04 -21.90
CA PHE A 197 -2.81 -1.13 -20.97
C PHE A 197 -1.61 -1.82 -21.64
N ILE A 198 -1.88 -2.81 -22.49
CA ILE A 198 -0.82 -3.55 -23.18
C ILE A 198 -0.20 -2.76 -24.36
N GLY A 199 -1.03 -2.05 -25.12
CA GLY A 199 -0.55 -1.14 -26.16
C GLY A 199 0.41 -0.11 -25.60
N VAL A 200 0.01 0.53 -24.50
CA VAL A 200 0.85 1.50 -23.79
C VAL A 200 2.21 0.95 -23.34
N GLU A 201 2.19 -0.25 -22.76
CA GLU A 201 3.44 -0.95 -22.35
C GLU A 201 4.37 -1.21 -23.52
N VAL A 203 4.38 0.64 -26.28
CA VAL A 203 4.87 1.95 -26.65
C VAL A 203 6.08 2.33 -25.82
N GLU A 204 5.94 2.21 -24.50
CA GLU A 204 7.01 2.57 -23.58
C GLU A 204 8.28 1.77 -23.86
N ASN A 205 8.14 0.46 -24.03
CA ASN A 205 9.29 -0.39 -24.31
C ASN A 205 9.93 -0.23 -25.68
N LEU A 206 9.16 0.20 -26.66
CA LEU A 206 9.72 0.53 -27.99
C LEU A 206 10.53 1.82 -27.94
N ARG A 207 9.99 2.86 -27.31
CA ARG A 207 10.77 4.08 -27.06
C ARG A 207 12.12 3.76 -26.37
N GLU A 208 12.05 2.84 -25.40
CA GLU A 208 13.21 2.35 -24.67
C GLU A 208 14.36 1.90 -25.57
N ARG A 209 14.02 1.24 -26.69
CA ARG A 209 15.00 0.73 -27.63
C ARG A 209 15.46 1.79 -28.62
N GLY A 210 14.92 3.00 -28.54
CA GLY A 210 15.29 4.05 -29.46
C GLY A 210 14.43 4.11 -30.71
N ILE A 211 13.22 3.57 -30.63
CA ILE A 211 12.33 3.55 -31.79
C ILE A 211 11.30 4.66 -31.65
N GLU A 212 11.09 5.40 -32.73
CA GLU A 212 10.05 6.42 -32.74
C GLU A 212 8.72 5.68 -32.82
N VAL A 213 7.75 6.14 -32.04
CA VAL A 213 6.49 5.42 -31.93
C VAL A 213 5.31 6.34 -32.14
N THR A 214 4.35 5.86 -32.93
CA THR A 214 3.03 6.45 -33.09
C THR A 214 2.01 5.45 -32.54
N LEU A 215 1.14 5.94 -31.66
CA LEU A 215 0.05 5.14 -31.11
C LEU A 215 -1.28 5.58 -31.72
N VAL A 216 -2.01 4.63 -32.30
CA VAL A 216 -3.27 4.89 -32.99
C VAL A 216 -4.38 4.26 -32.15
N GLU A 217 -5.26 5.11 -31.65
CA GLU A 217 -6.38 4.67 -30.82
C GLU A 217 -7.68 5.06 -31.51
N ALA A 219 -10.72 5.28 -29.69
CA ALA A 219 -11.36 6.14 -28.74
C ALA A 219 -10.70 7.54 -28.68
N ASN A 220 -11.21 8.41 -27.81
CA ASN A 220 -10.62 9.72 -27.66
C ASN A 220 -9.62 9.78 -26.50
N GLN A 221 -9.13 8.63 -26.09
CA GLN A 221 -8.25 8.50 -24.93
C GLN A 221 -7.56 7.13 -24.94
N VAL A 222 -6.37 7.06 -24.36
CA VAL A 222 -5.72 5.78 -24.11
C VAL A 222 -6.38 5.12 -22.89
N PRO A 224 -8.90 2.41 -21.70
CA PRO A 224 -10.36 2.50 -21.46
C PRO A 224 -10.83 2.50 -19.98
N PRO A 225 -10.14 1.76 -19.07
CA PRO A 225 -10.54 1.75 -17.66
C PRO A 225 -10.55 3.11 -16.96
N ILE A 226 -9.63 3.99 -17.32
CA ILE A 226 -9.55 5.29 -16.67
C ILE A 226 -10.44 6.30 -17.38
N ASP A 227 -10.93 7.27 -16.62
CA ASP A 227 -11.81 8.26 -17.20
C ASP A 227 -11.02 9.32 -17.99
N TYR A 228 -11.76 10.11 -18.75
CA TYR A 228 -11.22 11.05 -19.73
C TYR A 228 -10.25 12.05 -19.11
N GLU A 229 -10.63 12.68 -18.00
CA GLU A 229 -9.80 13.71 -17.42
C GLU A 229 -8.52 13.17 -16.81
N ALA A 231 -7.02 10.43 -18.16
CA ALA A 231 -6.27 10.09 -19.36
C ALA A 231 -5.53 11.33 -19.89
N ALA A 232 -6.11 12.50 -19.72
CA ALA A 232 -5.49 13.78 -20.13
C ALA A 232 -4.10 13.95 -19.52
N TYR A 233 -3.93 13.51 -18.28
CA TYR A 233 -2.61 13.57 -17.64
C TYR A 233 -1.70 12.55 -18.26
N VAL A 234 -2.21 11.34 -18.52
CA VAL A 234 -1.42 10.32 -19.17
C VAL A 234 -0.92 10.76 -20.55
N HIS A 235 -1.81 11.32 -21.37
CA HIS A 235 -1.47 11.83 -22.71
C HIS A 235 -0.34 12.83 -22.68
N GLU A 236 -0.46 13.81 -21.80
CA GLU A 236 0.64 14.76 -21.57
C GLU A 236 1.97 14.07 -21.37
N HIS A 237 2.02 13.05 -20.51
CA HIS A 237 3.29 12.40 -20.17
C HIS A 237 3.84 11.61 -21.33
N LYS A 239 3.20 12.33 -24.54
CA LYS A 239 3.64 13.29 -25.56
C LYS A 239 5.00 13.90 -25.21
N ASN A 240 5.28 14.04 -23.92
CA ASN A 240 6.58 14.56 -23.46
C ASN A 240 7.73 13.60 -23.66
N HIS A 241 7.41 12.31 -23.76
CA HIS A 241 8.40 11.32 -24.13
C HIS A 241 8.45 11.04 -25.62
N ASP A 242 7.93 11.97 -26.40
CA ASP A 242 7.96 11.99 -27.88
C ASP A 242 7.14 10.90 -28.57
N VAL A 243 6.03 10.49 -27.97
CA VAL A 243 5.10 9.57 -28.62
C VAL A 243 4.05 10.40 -29.37
N GLU A 244 3.81 10.09 -30.64
CA GLU A 244 2.70 10.71 -31.36
C GLU A 244 1.37 9.99 -31.07
N LEU A 245 0.39 10.73 -30.55
CA LEU A 245 -0.92 10.16 -30.24
C LEU A 245 -1.92 10.56 -31.29
N VAL A 246 -2.56 9.57 -31.89
CA VAL A 246 -3.55 9.80 -32.91
C VAL A 246 -4.88 9.25 -32.37
N PHE A 247 -5.81 10.14 -32.01
CA PHE A 247 -7.09 9.70 -31.43
C PHE A 247 -8.23 9.75 -32.44
N GLU A 248 -9.30 9.01 -32.14
CA GLU A 248 -10.51 8.94 -32.95
C GLU A 248 -10.19 8.67 -34.42
N ASP A 249 -9.24 7.76 -34.60
CA ASP A 249 -8.74 7.34 -35.91
C ASP A 249 -8.55 5.84 -35.82
N GLY A 250 -8.81 5.16 -36.93
CA GLY A 250 -8.54 3.75 -37.02
C GLY A 250 -7.78 3.51 -38.28
N VAL A 251 -7.18 2.34 -38.39
CA VAL A 251 -6.44 1.96 -39.57
C VAL A 251 -7.46 1.52 -40.62
N ASP A 252 -7.49 2.22 -41.75
CA ASP A 252 -8.39 1.85 -42.83
C ASP A 252 -7.78 0.80 -43.72
N ALA A 253 -6.48 0.93 -43.99
CA ALA A 253 -5.75 -0.04 -44.81
C ALA A 253 -4.26 -0.12 -44.51
N LEU A 254 -3.65 -1.26 -44.85
CA LEU A 254 -2.21 -1.42 -44.79
C LEU A 254 -1.64 -1.53 -46.20
N GLU A 255 -1.08 -0.43 -46.67
CA GLU A 255 -0.53 -0.37 -48.02
C GLU A 255 0.98 -0.52 -47.98
N GLU A 256 1.57 -0.86 -49.12
CA GLU A 256 3.02 -1.01 -49.31
C GLU A 256 3.63 -2.10 -48.43
N ASN A 257 2.90 -3.22 -48.29
CA ASN A 257 3.33 -4.36 -47.46
C ASN A 257 3.41 -4.04 -45.95
N GLY A 258 2.59 -3.13 -45.47
CA GLY A 258 2.59 -2.76 -44.06
C GLY A 258 3.52 -1.59 -43.71
N ALA A 259 4.14 -1.00 -44.72
CA ALA A 259 5.07 0.10 -44.52
C ALA A 259 4.32 1.42 -44.49
N VAL A 260 3.09 1.39 -44.99
CA VAL A 260 2.22 2.56 -44.99
C VAL A 260 0.90 2.18 -44.32
N VAL A 261 0.57 2.93 -43.29
CA VAL A 261 -0.69 2.77 -42.58
C VAL A 261 -1.59 3.92 -42.97
N ARG A 262 -2.72 3.61 -43.62
CA ARG A 262 -3.64 4.66 -44.03
C ARG A 262 -4.78 4.73 -43.03
N LEU A 263 -5.01 5.93 -42.52
CA LEU A 263 -5.98 6.14 -41.47
C LEU A 263 -7.34 6.48 -42.06
N LYS A 264 -8.38 6.29 -41.26
CA LYS A 264 -9.76 6.51 -41.71
C LYS A 264 -10.02 7.96 -42.11
N SER A 265 -9.48 8.90 -41.34
CA SER A 265 -9.46 10.32 -41.71
C SER A 265 -8.90 10.56 -43.11
N GLY A 266 -7.91 9.75 -43.49
CA GLY A 266 -7.25 9.86 -44.79
C GLY A 266 -5.75 10.02 -44.68
N SER A 267 -5.27 10.32 -43.47
CA SER A 267 -3.84 10.51 -43.18
C SER A 267 -3.05 9.22 -43.31
N VAL A 268 -1.75 9.36 -43.53
CA VAL A 268 -0.88 8.23 -43.74
C VAL A 268 0.23 8.27 -42.69
N ILE A 269 0.66 7.07 -42.27
CA ILE A 269 1.78 6.89 -41.34
C ILE A 269 2.74 5.92 -42.00
N GLN A 270 3.95 6.38 -42.31
CA GLN A 270 5.00 5.51 -42.83
C GLN A 270 5.71 4.91 -41.64
N THR A 271 5.80 3.58 -41.62
CA THR A 271 6.36 2.88 -40.49
C THR A 271 7.22 1.71 -40.92
N ASP A 272 8.00 1.19 -39.98
CA ASP A 272 8.85 0.02 -40.23
C ASP A 272 8.32 -1.22 -39.55
N LEU A 274 4.55 -2.79 -37.12
CA LEU A 274 3.23 -2.59 -36.56
C LEU A 274 2.99 -3.57 -35.44
N ILE A 275 2.52 -3.06 -34.32
CA ILE A 275 2.16 -3.92 -33.21
C ILE A 275 0.66 -3.81 -33.02
N LEU A 276 -0.02 -4.94 -33.05
CA LEU A 276 -1.47 -4.92 -32.81
C LEU A 276 -1.73 -5.19 -31.34
N ALA A 277 -2.50 -4.31 -30.71
CA ALA A 277 -2.88 -4.50 -29.33
C ALA A 277 -4.29 -3.95 -29.15
N ILE A 278 -5.24 -4.54 -29.87
CA ILE A 278 -6.60 -4.04 -29.88
C ILE A 278 -7.58 -4.88 -29.05
N GLY A 279 -7.06 -5.62 -28.07
CA GLY A 279 -7.91 -6.36 -27.14
C GLY A 279 -7.81 -7.86 -27.29
N VAL A 280 -8.56 -8.57 -26.45
CA VAL A 280 -8.60 -10.03 -26.48
C VAL A 280 -10.02 -10.60 -26.45
N GLN A 281 -10.12 -11.86 -26.87
CA GLN A 281 -11.35 -12.62 -26.86
C GLN A 281 -11.09 -14.00 -26.24
N PRO A 282 -12.05 -14.53 -25.44
CA PRO A 282 -11.84 -15.78 -24.71
C PRO A 282 -11.49 -16.95 -25.63
N GLU A 283 -10.56 -17.79 -25.18
CA GLU A 283 -10.25 -19.00 -25.90
C GLU A 283 -11.26 -20.08 -25.53
N SER A 284 -12.46 -19.98 -26.05
CA SER A 284 -13.50 -20.91 -25.65
C SER A 284 -14.01 -21.82 -26.76
N SER A 285 -13.25 -21.95 -27.84
CA SER A 285 -13.58 -22.89 -28.95
C SER A 285 -13.83 -24.33 -28.50
N LEU A 286 -13.03 -24.80 -27.55
CA LEU A 286 -13.20 -26.12 -26.97
C LEU A 286 -14.54 -26.26 -26.26
N ALA A 287 -14.94 -25.23 -25.52
CA ALA A 287 -16.21 -25.22 -24.82
C ALA A 287 -17.37 -25.21 -25.80
N LYS A 288 -17.27 -24.34 -26.81
CA LYS A 288 -18.29 -24.22 -27.86
C LYS A 288 -18.46 -25.59 -28.52
N GLY A 289 -17.34 -26.17 -28.92
CA GLY A 289 -17.35 -27.46 -29.59
C GLY A 289 -17.95 -28.56 -28.74
N ALA A 290 -17.74 -28.48 -27.43
CA ALA A 290 -18.24 -29.51 -26.51
C ALA A 290 -19.69 -29.26 -26.14
N GLY A 291 -20.25 -28.14 -26.59
CA GLY A 291 -21.63 -27.77 -26.30
C GLY A 291 -21.84 -27.23 -24.90
N LEU A 292 -20.80 -26.59 -24.35
CA LEU A 292 -20.88 -25.98 -23.02
C LEU A 292 -21.51 -24.59 -23.11
N ALA A 293 -22.23 -24.19 -22.06
CA ALA A 293 -22.83 -22.87 -22.05
C ALA A 293 -21.80 -21.74 -22.06
N LEU A 294 -22.11 -20.69 -22.82
CA LEU A 294 -21.28 -19.50 -22.91
C LEU A 294 -21.92 -18.32 -22.21
N GLY A 295 -21.09 -17.46 -21.64
CA GLY A 295 -21.60 -16.30 -20.94
C GLY A 295 -21.33 -15.09 -21.80
N VAL A 296 -21.32 -13.93 -21.17
CA VAL A 296 -21.10 -12.67 -21.88
C VAL A 296 -19.80 -12.68 -22.70
N ARG A 297 -19.88 -12.17 -23.93
CA ARG A 297 -18.73 -12.00 -24.83
C ARG A 297 -18.04 -13.30 -25.21
N GLY A 298 -18.79 -14.39 -25.21
CA GLY A 298 -18.23 -15.68 -25.58
C GLY A 298 -17.37 -16.35 -24.54
N THR A 299 -17.36 -15.81 -23.33
CA THR A 299 -16.66 -16.45 -22.20
C THR A 299 -17.36 -17.75 -21.84
N ILE A 300 -16.64 -18.66 -21.20
CA ILE A 300 -17.24 -19.87 -20.66
C ILE A 300 -18.05 -19.54 -19.41
N LYS A 301 -19.28 -20.02 -19.35
CA LYS A 301 -20.16 -19.75 -18.21
C LYS A 301 -19.93 -20.76 -17.10
N VAL A 302 -19.76 -20.28 -15.88
CA VAL A 302 -19.48 -21.14 -14.73
C VAL A 302 -20.31 -20.70 -13.57
N ASN A 303 -20.61 -21.63 -12.67
CA ASN A 303 -21.37 -21.25 -11.48
C ASN A 303 -20.45 -20.75 -10.38
N GLU A 304 -20.97 -20.66 -9.17
CA GLU A 304 -20.25 -20.10 -8.03
C GLU A 304 -19.00 -20.93 -7.72
N LYS A 305 -18.96 -22.14 -8.26
CA LYS A 305 -17.88 -23.06 -7.97
C LYS A 305 -17.02 -23.35 -9.20
N PHE A 306 -17.11 -22.48 -10.21
CA PHE A 306 -16.33 -22.61 -11.45
C PHE A 306 -16.75 -23.81 -12.27
N GLN A 307 -17.91 -24.37 -11.96
CA GLN A 307 -18.44 -25.49 -12.71
C GLN A 307 -19.08 -25.01 -14.01
N THR A 308 -18.72 -25.64 -15.13
CA THR A 308 -19.36 -25.29 -16.39
C THR A 308 -20.72 -25.99 -16.43
N SER A 309 -21.34 -26.08 -17.59
CA SER A 309 -22.65 -26.73 -17.67
C SER A 309 -22.53 -28.27 -17.63
N ASP A 310 -21.31 -28.79 -17.75
CA ASP A 310 -21.02 -30.19 -17.46
C ASP A 310 -20.42 -30.33 -16.05
N PRO A 311 -21.02 -31.21 -15.22
CA PRO A 311 -20.66 -31.30 -13.80
C PRO A 311 -19.17 -31.64 -13.57
N HIS A 312 -18.54 -32.29 -14.54
CA HIS A 312 -17.16 -32.77 -14.42
C HIS A 312 -16.11 -31.81 -15.00
N ILE A 313 -16.55 -30.73 -15.60
CA ILE A 313 -15.65 -29.80 -16.26
C ILE A 313 -15.71 -28.46 -15.54
N TYR A 314 -14.55 -27.97 -15.13
CA TYR A 314 -14.45 -26.67 -14.47
C TYR A 314 -13.68 -25.76 -15.37
N ALA A 315 -13.85 -24.46 -15.16
CA ALA A 315 -13.17 -23.47 -15.95
C ALA A 315 -12.81 -22.25 -15.13
N ILE A 316 -11.63 -21.70 -15.39
CA ILE A 316 -11.14 -20.51 -14.67
C ILE A 316 -10.35 -19.65 -15.62
N GLY A 317 -9.90 -18.49 -15.15
CA GLY A 317 -8.96 -17.68 -15.92
C GLY A 317 -9.64 -16.64 -16.80
N ASP A 318 -8.89 -16.09 -17.77
CA ASP A 318 -9.41 -15.08 -18.69
C ASP A 318 -10.62 -15.54 -19.50
N ALA A 319 -10.76 -16.84 -19.68
CA ALA A 319 -11.80 -17.37 -20.52
C ALA A 319 -13.19 -17.41 -19.89
N ILE A 320 -13.31 -17.18 -18.58
CA ILE A 320 -14.62 -17.33 -17.92
C ILE A 320 -15.34 -16.02 -17.65
N GLU A 321 -16.64 -16.15 -17.44
CA GLU A 321 -17.49 -15.06 -17.05
C GLU A 321 -17.46 -14.90 -15.53
N VAL A 322 -17.10 -13.72 -15.06
CA VAL A 322 -17.05 -13.42 -13.62
C VAL A 322 -18.01 -12.28 -13.29
N LYS A 323 -18.48 -12.19 -12.06
CA LYS A 323 -19.26 -11.04 -11.62
C LYS A 323 -18.31 -9.93 -11.16
N ASP A 324 -18.60 -8.68 -11.47
CA ASP A 324 -17.81 -7.63 -10.88
C ASP A 324 -18.25 -7.49 -9.43
N PHE A 325 -17.28 -7.29 -8.55
CA PHE A 325 -17.53 -7.23 -7.12
C PHE A 325 -18.51 -6.14 -6.76
N VAL A 326 -18.38 -4.98 -7.40
CA VAL A 326 -19.12 -3.76 -7.06
C VAL A 326 -20.61 -3.81 -7.41
N THR A 327 -20.93 -4.24 -8.64
CA THR A 327 -22.33 -4.27 -9.09
C THR A 327 -22.89 -5.65 -9.32
N GLU A 328 -22.01 -6.66 -9.36
CA GLU A 328 -22.40 -8.07 -9.57
C GLU A 328 -23.02 -8.25 -10.95
N THR A 329 -22.44 -7.53 -11.91
CA THR A 329 -22.74 -7.60 -13.32
C THR A 329 -21.77 -8.61 -13.92
N GLU A 330 -22.29 -9.49 -14.74
CA GLU A 330 -21.50 -10.49 -15.45
C GLU A 330 -20.58 -9.78 -16.41
N THR A 331 -19.30 -10.16 -16.37
CA THR A 331 -18.31 -9.50 -17.21
C THR A 331 -17.11 -10.39 -17.50
N ILE A 333 -12.91 -10.16 -17.28
CA ILE A 333 -11.77 -9.38 -16.76
C ILE A 333 -10.48 -10.20 -16.83
N PRO A 334 -9.72 -10.04 -17.92
CA PRO A 334 -8.49 -10.81 -18.16
C PRO A 334 -7.20 -10.30 -17.47
N LEU A 335 -7.02 -10.64 -16.20
CA LEU A 335 -5.91 -10.13 -15.38
C LEU A 335 -5.33 -11.32 -14.70
N ALA A 336 -4.06 -11.23 -14.31
CA ALA A 336 -3.36 -12.39 -13.76
C ALA A 336 -3.71 -12.70 -12.33
N TRP A 337 -4.03 -11.69 -11.53
CA TRP A 337 -4.33 -11.93 -10.11
C TRP A 337 -5.58 -12.81 -9.99
N PRO A 338 -6.72 -12.41 -10.62
CA PRO A 338 -7.94 -13.24 -10.64
C PRO A 338 -7.69 -14.65 -11.15
N ALA A 339 -6.97 -14.78 -12.26
CA ALA A 339 -6.65 -16.11 -12.74
C ALA A 339 -5.95 -16.97 -11.69
N ASN A 340 -4.89 -16.43 -11.11
CA ASN A 340 -4.17 -17.13 -10.01
C ASN A 340 -5.06 -17.45 -8.81
N ARG A 341 -5.84 -16.49 -8.34
CA ARG A 341 -6.77 -16.69 -7.23
C ARG A 341 -7.79 -17.79 -7.55
N GLN A 342 -8.40 -17.70 -8.74
CA GLN A 342 -9.43 -18.67 -9.15
C GLN A 342 -8.84 -20.05 -9.17
N GLY A 343 -7.65 -20.20 -9.76
CA GLY A 343 -7.00 -21.48 -9.82
C GLY A 343 -6.77 -22.10 -8.43
N ARG A 344 -6.27 -21.28 -7.52
CA ARG A 344 -6.00 -21.70 -6.15
C ARG A 344 -7.29 -22.05 -5.40
N LEU A 346 -10.15 -23.01 -6.88
CA LEU A 346 -10.74 -24.19 -7.51
C LEU A 346 -10.16 -25.48 -6.93
N ALA A 347 -8.87 -25.49 -6.70
CA ALA A 347 -8.20 -26.67 -6.12
C ALA A 347 -8.88 -27.10 -4.81
N ASP A 348 -9.21 -26.13 -3.95
CA ASP A 348 -9.92 -26.41 -2.68
C ASP A 348 -11.34 -26.90 -2.89
N ILE A 349 -12.06 -26.23 -3.79
CA ILE A 349 -13.41 -26.59 -4.20
C ILE A 349 -13.45 -28.04 -4.71
N ILE A 350 -12.50 -28.41 -5.56
CA ILE A 350 -12.41 -29.80 -6.01
C ILE A 350 -12.31 -30.77 -4.83
N HIS A 351 -11.64 -30.34 -3.76
CA HIS A 351 -11.48 -31.16 -2.55
C HIS A 351 -12.54 -30.93 -1.48
N GLY A 352 -13.67 -30.35 -1.90
CA GLY A 352 -14.81 -30.13 -1.00
C GLY A 352 -14.72 -28.98 0.00
N HIS A 353 -13.59 -28.27 0.02
CA HIS A 353 -13.47 -27.09 0.87
C HIS A 353 -14.20 -25.89 0.21
N THR A 354 -15.51 -25.84 0.40
CA THR A 354 -16.35 -24.87 -0.33
C THR A 354 -16.83 -23.69 0.54
N ASP A 355 -16.20 -23.52 1.71
CA ASP A 355 -16.52 -22.40 2.59
C ASP A 355 -16.32 -21.07 1.87
N SER A 356 -15.10 -20.89 1.39
CA SER A 356 -14.70 -19.70 0.65
C SER A 356 -14.96 -19.89 -0.85
N LEU A 357 -15.97 -19.20 -1.35
CA LEU A 357 -16.27 -19.16 -2.80
C LEU A 357 -15.94 -17.78 -3.38
N TYR A 358 -15.73 -17.74 -4.68
CA TYR A 358 -15.29 -16.53 -5.38
C TYR A 358 -16.30 -15.39 -5.28
N LYS A 359 -15.82 -14.23 -4.86
CA LYS A 359 -16.69 -13.08 -4.60
C LYS A 359 -16.84 -12.16 -5.81
N GLY A 360 -16.15 -12.48 -6.90
CA GLY A 360 -16.16 -11.60 -8.05
C GLY A 360 -14.92 -10.74 -8.06
N THR A 361 -14.66 -10.10 -9.19
CA THR A 361 -13.42 -9.40 -9.45
C THR A 361 -13.65 -7.90 -9.28
N LEU A 362 -12.72 -7.22 -8.63
CA LEU A 362 -12.78 -5.77 -8.49
C LEU A 362 -12.17 -5.13 -9.73
N GLY A 363 -11.24 -5.84 -10.36
CA GLY A 363 -10.63 -5.35 -11.58
C GLY A 363 -9.51 -4.38 -11.32
N THR A 364 -8.74 -4.62 -10.25
CA THR A 364 -7.64 -3.75 -9.87
C THR A 364 -6.50 -3.87 -10.88
N SER A 365 -6.15 -2.76 -11.50
CA SER A 365 -5.05 -2.75 -12.45
C SER A 365 -4.12 -1.57 -12.22
N VAL A 366 -2.83 -1.81 -12.45
CA VAL A 366 -1.79 -0.79 -12.34
C VAL A 366 -0.97 -0.81 -13.62
N ALA A 367 -0.51 0.38 -14.04
CA ALA A 367 0.27 0.53 -15.25
C ALA A 367 1.38 1.54 -15.02
N LYS A 368 2.58 1.24 -15.51
CA LYS A 368 3.71 2.16 -15.51
C LYS A 368 3.77 2.84 -16.87
N VAL A 369 3.65 4.15 -16.91
CA VAL A 369 3.71 4.86 -18.18
C VAL A 369 4.87 5.83 -18.13
N PHE A 370 6.01 5.42 -18.64
CA PHE A 370 7.24 6.18 -18.50
C PHE A 370 7.43 6.50 -17.04
N ASP A 371 7.44 7.77 -16.65
CA ASP A 371 7.75 8.14 -15.27
C ASP A 371 6.52 8.05 -14.36
N LEU A 372 5.37 7.77 -14.95
CA LEU A 372 4.07 7.89 -14.29
C LEU A 372 3.49 6.53 -13.95
N THR A 373 2.92 6.38 -12.76
CA THR A 373 2.14 5.20 -12.44
C THR A 373 0.67 5.52 -12.51
N VAL A 374 -0.08 4.60 -13.13
CA VAL A 374 -1.53 4.76 -13.30
C VAL A 374 -2.19 3.51 -12.75
N ALA A 375 -3.17 3.72 -11.88
CA ALA A 375 -3.89 2.62 -11.23
C ALA A 375 -5.41 2.88 -11.24
N THR A 376 -6.19 1.81 -11.25
CA THR A 376 -7.66 1.92 -11.26
C THR A 376 -8.23 0.71 -10.53
N THR A 377 -9.42 0.87 -9.97
CA THR A 377 -10.13 -0.22 -9.32
C THR A 377 -11.63 0.04 -9.32
N GLY A 378 -12.42 -1.02 -9.46
CA GLY A 378 -13.87 -0.88 -9.47
C GLY A 378 -14.36 -0.30 -10.78
N LEU A 379 -15.46 0.46 -10.74
CA LEU A 379 -16.11 1.01 -11.93
C LEU A 379 -15.77 2.47 -12.16
N ASN A 380 -15.69 2.85 -13.43
CA ASN A 380 -15.36 4.22 -13.81
C ASN A 380 -16.65 4.95 -14.17
N GLU A 381 -16.58 6.26 -14.38
CA GLU A 381 -17.76 7.03 -14.71
C GLU A 381 -18.46 6.51 -15.98
N LYS A 382 -17.69 6.17 -17.01
CA LYS A 382 -18.27 5.69 -18.28
C LYS A 382 -19.15 4.46 -18.07
N ILE A 383 -18.73 3.55 -17.20
CA ILE A 383 -19.52 2.35 -16.89
C ILE A 383 -20.76 2.64 -16.04
N LEU A 384 -20.62 3.50 -15.03
CA LEU A 384 -21.77 3.80 -14.16
C LEU A 384 -22.92 4.48 -14.87
N LYS A 385 -22.60 5.34 -15.84
CA LYS A 385 -23.63 5.96 -16.70
C LYS A 385 -24.33 4.89 -17.53
N ARG A 386 -23.54 3.96 -18.07
CA ARG A 386 -24.04 2.84 -18.86
C ARG A 386 -25.04 1.96 -18.08
N LEU A 387 -25.01 2.06 -16.75
CA LEU A 387 -25.85 1.24 -15.88
C LEU A 387 -26.92 2.03 -15.15
N ASN A 388 -27.03 3.33 -15.46
CA ASN A 388 -27.97 4.24 -14.79
C ASN A 388 -27.80 4.26 -13.27
N ILE A 389 -26.55 4.33 -12.81
CA ILE A 389 -26.25 4.34 -11.38
C ILE A 389 -25.89 5.77 -10.97
N PRO A 390 -26.69 6.37 -10.08
CA PRO A 390 -26.34 7.71 -9.57
C PRO A 390 -25.02 7.67 -8.78
N TYR A 391 -24.10 8.57 -9.11
CA TYR A 391 -22.81 8.66 -8.41
C TYR A 391 -22.34 10.09 -8.20
N GLU A 392 -21.35 10.24 -7.33
CA GLU A 392 -20.62 11.48 -7.14
C GLU A 392 -19.15 11.13 -7.29
N VAL A 393 -18.35 12.08 -7.71
CA VAL A 393 -16.91 11.88 -7.75
C VAL A 393 -16.24 13.01 -7.01
N VAL A 394 -15.02 12.75 -6.57
CA VAL A 394 -14.17 13.77 -5.99
C VAL A 394 -12.77 13.57 -6.57
N HIS A 395 -12.07 14.66 -6.81
CA HIS A 395 -10.69 14.62 -7.32
C HIS A 395 -9.85 15.32 -6.27
N VAL A 396 -8.92 14.60 -5.65
CA VAL A 396 -8.03 15.20 -4.68
C VAL A 396 -6.57 14.93 -5.09
N GLN A 397 -5.75 15.99 -5.16
CA GLN A 397 -4.31 15.86 -5.36
C GLN A 397 -3.61 16.14 -4.03
N ALA A 398 -2.74 15.22 -3.63
CA ALA A 398 -2.02 15.30 -2.37
C ALA A 398 -0.59 14.88 -2.64
N ASN A 399 0.31 15.10 -1.67
CA ASN A 399 1.71 14.67 -1.84
C ASN A 399 1.92 13.21 -1.54
N SER A 400 2.83 12.58 -2.28
CA SER A 400 3.17 11.22 -2.00
C SER A 400 3.63 11.04 -0.53
N HIS A 401 4.35 12.02 0.01
CA HIS A 401 4.85 11.91 1.38
C HIS A 401 5.02 13.33 1.90
N ALA A 402 5.61 13.46 3.10
CA ALA A 402 5.69 14.77 3.74
C ALA A 402 6.33 15.76 2.80
N GLY A 403 5.71 16.94 2.64
CA GLY A 403 6.19 17.96 1.71
C GLY A 403 7.55 18.56 2.04
N TYR A 404 7.87 18.56 3.33
CA TYR A 404 9.14 19.10 3.80
C TYR A 404 10.25 18.08 3.63
N TYR A 405 9.89 16.87 3.22
CA TYR A 405 10.86 15.79 3.02
C TYR A 405 11.18 15.69 1.52
N PRO A 406 12.46 15.61 1.16
CA PRO A 406 12.83 15.66 -0.27
C PRO A 406 12.02 14.76 -1.22
N ASN A 407 11.86 15.22 -2.46
CA ASN A 407 11.31 14.42 -3.55
C ASN A 407 9.85 14.04 -3.34
N ALA A 408 9.09 14.90 -2.67
CA ALA A 408 7.66 14.67 -2.54
C ALA A 408 7.07 15.00 -3.88
N THR A 409 6.22 14.13 -4.39
CA THR A 409 5.62 14.33 -5.70
C THR A 409 4.11 14.24 -5.55
N PRO A 410 3.36 14.99 -6.37
CA PRO A 410 1.89 14.94 -6.22
C PRO A 410 1.30 13.60 -6.68
N VAL A 411 0.22 13.20 -6.00
CA VAL A 411 -0.55 11.99 -6.33
C VAL A 411 -1.99 12.47 -6.53
N LEU A 412 -2.64 12.07 -7.61
CA LEU A 412 -4.02 12.46 -7.84
C LEU A 412 -4.92 11.24 -7.65
N ILE A 413 -5.94 11.34 -6.81
CA ILE A 413 -6.90 10.26 -6.65
C ILE A 413 -8.29 10.73 -7.01
N LYS A 414 -8.96 9.98 -7.88
CA LYS A 414 -10.38 10.26 -8.19
C LYS A 414 -11.11 9.13 -7.49
N LEU A 415 -12.12 9.47 -6.72
CA LEU A 415 -12.92 8.49 -6.04
C LEU A 415 -14.38 8.62 -6.49
N ILE A 416 -14.98 7.49 -6.86
CA ILE A 416 -16.39 7.48 -7.27
C ILE A 416 -17.26 6.78 -6.22
N PHE A 417 -18.36 7.42 -5.80
CA PHE A 417 -19.11 6.89 -4.67
C PHE A 417 -20.58 7.24 -4.76
N ASN A 418 -21.39 6.59 -3.91
CA ASN A 418 -22.79 6.86 -3.74
C ASN A 418 -22.97 7.97 -2.69
N LYS A 419 -23.59 9.07 -3.09
CA LYS A 419 -23.80 10.21 -2.20
C LYS A 419 -24.69 9.86 -0.98
N ASP A 420 -25.60 8.91 -1.14
CA ASP A 420 -26.44 8.46 -0.03
C ASP A 420 -25.72 7.48 0.89
N SER A 421 -25.25 6.35 0.35
CA SER A 421 -24.69 5.29 1.17
C SER A 421 -23.21 5.50 1.56
N GLY A 422 -22.48 6.22 0.71
CA GLY A 422 -21.03 6.28 0.82
C GLY A 422 -20.31 5.06 0.23
N LYS A 423 -21.09 4.08 -0.25
CA LYS A 423 -20.53 2.95 -1.00
C LYS A 423 -19.58 3.48 -2.04
N ILE A 424 -18.43 2.85 -2.15
CA ILE A 424 -17.40 3.17 -3.14
C ILE A 424 -17.58 2.31 -4.38
N TYR A 425 -17.67 2.98 -5.52
CA TYR A 425 -17.89 2.31 -6.79
C TYR A 425 -16.58 2.05 -7.52
N GLY A 426 -15.58 2.90 -7.28
CA GLY A 426 -14.26 2.75 -7.90
C GLY A 426 -13.32 3.88 -7.59
N ALA A 427 -12.05 3.74 -7.97
CA ALA A 427 -11.08 4.77 -7.70
C ALA A 427 -10.09 4.74 -8.80
N GLN A 428 -9.54 5.90 -9.09
CA GLN A 428 -8.46 6.01 -10.05
C GLN A 428 -7.35 6.84 -9.45
N THR A 429 -6.10 6.43 -9.66
CA THR A 429 -4.93 7.10 -9.08
C THR A 429 -3.82 7.26 -10.09
N LEU A 430 -3.10 8.36 -10.00
CA LEU A 430 -1.94 8.59 -10.85
C LEU A 430 -0.93 9.49 -10.19
N GLY A 431 0.34 9.33 -10.54
CA GLY A 431 1.40 10.12 -9.94
C GLY A 431 2.71 9.46 -10.25
N ARG A 432 3.82 10.11 -9.92
CA ARG A 432 5.12 9.52 -10.14
C ARG A 432 5.56 8.57 -9.05
N ASP A 433 5.07 8.72 -7.83
CA ASP A 433 5.40 7.77 -6.75
C ASP A 433 4.25 7.62 -5.76
N GLY A 434 4.26 6.51 -5.04
CA GLY A 434 3.26 6.28 -3.99
C GLY A 434 1.87 6.00 -4.50
N VAL A 435 1.76 5.57 -5.75
CA VAL A 435 0.46 5.33 -6.37
C VAL A 435 -0.05 3.92 -6.07
N ASP A 436 0.80 2.92 -6.26
CA ASP A 436 0.43 1.52 -6.00
C ASP A 436 -0.10 1.37 -4.58
N LYS A 437 0.61 1.94 -3.62
CA LYS A 437 0.20 1.90 -2.22
C LYS A 437 -1.24 2.40 -1.99
N ARG A 438 -1.60 3.54 -2.57
CA ARG A 438 -2.91 4.10 -2.30
C ARG A 438 -4.03 3.26 -2.90
N ASP A 440 -4.02 0.00 -3.53
CA ASP A 440 -4.12 -1.24 -2.76
C ASP A 440 -4.93 -1.02 -1.49
N VAL A 441 -4.63 0.07 -0.79
CA VAL A 441 -5.43 0.43 0.36
C VAL A 441 -6.89 0.59 -0.05
N ILE A 442 -7.16 1.39 -1.07
CA ILE A 442 -8.56 1.65 -1.47
C ILE A 442 -9.22 0.39 -1.99
N ALA A 443 -8.46 -0.46 -2.68
CA ALA A 443 -8.96 -1.73 -3.17
C ALA A 443 -9.32 -2.61 -2.01
N THR A 444 -8.45 -2.62 -0.98
CA THR A 444 -8.70 -3.37 0.26
C THR A 444 -9.97 -2.82 0.94
N ALA A 445 -10.10 -1.50 0.98
CA ALA A 445 -11.32 -0.91 1.58
C ALA A 445 -12.60 -1.37 0.85
N ILE A 446 -12.60 -1.29 -0.48
CA ILE A 446 -13.74 -1.72 -1.26
C ILE A 446 -14.11 -3.17 -0.99
N LYS A 447 -13.13 -4.08 -1.04
CA LYS A 447 -13.41 -5.50 -0.80
C LYS A 447 -13.84 -5.79 0.64
N ALA A 448 -13.51 -4.91 1.58
CA ALA A 448 -13.94 -5.05 2.95
C ALA A 448 -15.26 -4.34 3.22
N ASN A 449 -15.89 -3.86 2.15
CA ASN A 449 -17.17 -3.17 2.21
C ASN A 449 -17.15 -1.91 3.06
N LEU A 450 -16.05 -1.19 3.04
CA LEU A 450 -15.98 0.11 3.70
C LEU A 450 -16.55 1.19 2.81
N THR A 451 -17.28 2.13 3.43
CA THR A 451 -17.81 3.30 2.76
C THR A 451 -16.77 4.42 2.81
N VAL A 452 -17.03 5.52 2.11
CA VAL A 452 -16.08 6.66 2.12
C VAL A 452 -15.95 7.25 3.52
N LEU A 453 -16.92 6.97 4.39
CA LEU A 453 -16.91 7.50 5.76
C LEU A 453 -15.88 6.78 6.62
N ASP A 454 -15.45 5.59 6.20
CA ASP A 454 -14.45 4.81 6.91
C ASP A 454 -13.02 5.12 6.45
N LEU A 455 -12.86 5.67 5.25
CA LEU A 455 -11.53 5.95 4.70
C LEU A 455 -10.69 6.88 5.57
N PRO A 456 -11.31 7.92 6.17
CA PRO A 456 -10.53 8.77 7.07
C PRO A 456 -10.06 8.06 8.33
N ASP A 457 -10.68 6.94 8.68
CA ASP A 457 -10.33 6.19 9.89
C ASP A 457 -9.29 5.13 9.66
N LEU A 458 -8.72 5.07 8.47
CA LEU A 458 -7.67 4.10 8.21
C LEU A 458 -6.36 4.61 8.75
N GLU A 459 -5.88 3.93 9.79
CA GLU A 459 -4.62 4.31 10.42
C GLU A 459 -3.51 3.72 9.60
N LEU A 460 -2.89 4.58 8.82
CA LEU A 460 -1.79 4.15 7.98
C LEU A 460 -0.48 4.62 8.62
N SER A 461 0.63 4.03 8.20
CA SER A 461 1.93 4.34 8.77
C SER A 461 2.33 5.78 8.45
N TYR A 462 2.66 6.57 9.46
CA TYR A 462 3.20 7.90 9.20
C TYR A 462 4.66 8.11 9.64
N ALA A 463 5.51 8.27 8.63
CA ALA A 463 6.85 8.79 8.83
C ALA A 463 7.12 9.68 7.61
N PRO A 464 7.81 10.81 7.83
CA PRO A 464 8.07 11.78 6.74
C PRO A 464 8.43 11.20 5.36
N PRO A 465 9.32 10.17 5.28
CA PRO A 465 9.69 9.62 3.99
C PRO A 465 8.61 8.81 3.27
N TYR A 466 7.52 8.47 3.96
CA TYR A 466 6.50 7.56 3.41
C TYR A 466 5.08 8.10 3.26
N SER A 467 4.73 9.12 4.04
CA SER A 467 3.34 9.59 4.04
C SER A 467 3.23 10.93 4.73
N SER A 468 2.00 11.42 4.92
CA SER A 468 1.74 12.60 5.73
C SER A 468 0.89 12.16 6.91
N ALA A 469 0.73 13.05 7.89
CA ALA A 469 -0.08 12.76 9.07
C ALA A 469 -1.51 12.38 8.68
N LYS A 470 -2.03 12.99 7.61
CA LYS A 470 -3.21 12.50 6.91
C LYS A 470 -2.78 12.06 5.52
N ASP A 471 -2.75 10.73 5.30
CA ASP A 471 -2.39 10.12 4.01
C ASP A 471 -3.36 10.62 2.92
N PRO A 472 -2.94 10.66 1.64
CA PRO A 472 -3.85 10.90 0.52
C PRO A 472 -5.17 10.09 0.54
N VAL A 473 -5.14 8.86 1.03
CA VAL A 473 -6.33 8.06 1.17
C VAL A 473 -7.26 8.62 2.24
N ASN A 474 -6.70 9.04 3.37
CA ASN A 474 -7.50 9.69 4.38
C ASN A 474 -8.14 10.94 3.79
N VAL A 476 -8.88 11.90 0.54
CA VAL A 476 -9.95 11.70 -0.43
C VAL A 476 -11.20 11.21 0.32
N GLY A 477 -10.98 10.46 1.37
CA GLY A 477 -12.04 10.04 2.27
C GLY A 477 -12.75 11.22 2.91
N TYR A 478 -11.99 12.21 3.41
CA TYR A 478 -12.57 13.43 4.00
C TYR A 478 -13.31 14.24 2.97
N ALA A 479 -12.69 14.42 1.82
CA ALA A 479 -13.35 15.14 0.72
C ALA A 479 -14.70 14.50 0.37
N ALA A 480 -14.72 13.17 0.21
CA ALA A 480 -15.95 12.45 -0.12
C ALA A 480 -16.97 12.55 1.01
N SER A 481 -16.52 12.41 2.25
CA SER A 481 -17.38 12.53 3.44
C SER A 481 -18.04 13.90 3.55
N ASN A 482 -17.31 14.95 3.18
CA ASN A 482 -17.86 16.29 3.11
C ASN A 482 -18.98 16.42 2.09
N ILE A 483 -18.87 15.68 0.99
CA ILE A 483 -19.95 15.62 0.03
C ILE A 483 -21.13 14.79 0.52
N VAL A 484 -20.86 13.62 1.07
CA VAL A 484 -21.91 12.76 1.64
C VAL A 484 -22.69 13.44 2.77
N ASP A 485 -22.00 14.25 3.58
CA ASP A 485 -22.62 14.90 4.72
C ASP A 485 -23.28 16.23 4.37
N GLY A 486 -23.03 16.74 3.18
CA GLY A 486 -23.64 17.99 2.75
C GLY A 486 -22.90 19.25 3.19
N PHE A 487 -21.65 19.12 3.60
CA PHE A 487 -20.85 20.29 3.95
C PHE A 487 -20.45 21.09 2.71
N VAL A 488 -20.42 20.43 1.55
CA VAL A 488 -20.03 21.08 0.30
C VAL A 488 -20.72 20.47 -0.90
N ASP A 489 -21.07 21.32 -1.86
CA ASP A 489 -21.64 20.88 -3.14
C ASP A 489 -20.63 21.30 -4.20
N THR A 490 -20.37 20.40 -5.14
CA THR A 490 -19.35 20.63 -6.14
C THR A 490 -19.93 20.52 -7.53
N VAL A 491 -19.23 21.12 -8.50
CA VAL A 491 -19.55 20.93 -9.91
C VAL A 491 -18.29 20.40 -10.57
N GLN A 492 -18.47 19.69 -11.67
CA GLN A 492 -17.36 19.07 -12.40
C GLN A 492 -16.75 19.97 -13.48
N TRP A 493 -15.49 19.71 -13.81
CA TRP A 493 -14.84 20.42 -14.92
C TRP A 493 -15.71 20.56 -16.19
N HIS A 494 -16.58 19.58 -16.46
CA HIS A 494 -17.36 19.53 -17.71
C HIS A 494 -18.68 20.30 -17.65
N GLU A 495 -19.00 20.85 -16.48
CA GLU A 495 -20.22 21.57 -16.20
C GLU A 495 -19.98 23.07 -16.12
N ILE A 496 -18.80 23.47 -15.64
CA ILE A 496 -18.53 24.86 -15.30
C ILE A 496 -18.77 25.88 -16.43
N ASP A 497 -18.24 25.65 -17.63
CA ASP A 497 -18.38 26.62 -18.74
C ASP A 497 -19.83 26.95 -19.12
N ARG A 498 -20.67 25.93 -19.19
CA ARG A 498 -22.09 26.10 -19.48
C ARG A 498 -22.78 26.87 -18.34
N ILE A 499 -22.36 26.61 -17.11
CA ILE A 499 -22.89 27.33 -15.95
C ILE A 499 -22.52 28.81 -16.00
N VAL A 500 -21.29 29.11 -16.42
CA VAL A 500 -20.84 30.48 -16.64
C VAL A 500 -21.63 31.14 -17.79
N GLU A 501 -21.83 30.41 -18.89
CA GLU A 501 -22.64 30.87 -20.03
C GLU A 501 -24.07 31.21 -19.61
N ASN A 502 -24.60 30.45 -18.67
CA ASN A 502 -25.97 30.62 -18.19
C ASN A 502 -26.12 31.62 -17.06
N GLY A 503 -25.03 32.30 -16.70
CA GLY A 503 -25.11 33.34 -15.69
C GLY A 503 -24.42 33.11 -14.35
N GLY A 504 -23.87 31.92 -14.13
CA GLY A 504 -23.11 31.64 -12.90
C GLY A 504 -21.99 32.64 -12.64
N TYR A 505 -21.77 32.98 -11.36
CA TYR A 505 -20.73 33.93 -10.96
C TYR A 505 -19.51 33.20 -10.43
N LEU A 506 -18.45 33.16 -11.21
CA LEU A 506 -17.30 32.33 -10.88
C LEU A 506 -16.19 33.13 -10.20
N ILE A 507 -15.86 32.76 -8.97
CA ILE A 507 -14.83 33.45 -8.21
C ILE A 507 -13.61 32.56 -8.10
N ASP A 508 -12.46 33.09 -8.54
CA ASP A 508 -11.15 32.42 -8.50
C ASP A 508 -10.45 32.90 -7.23
N VAL A 509 -10.24 31.98 -6.29
CA VAL A 509 -9.69 32.34 -4.97
C VAL A 509 -8.18 32.20 -4.83
N ARG A 510 -7.51 32.03 -5.96
CA ARG A 510 -6.06 31.92 -6.00
C ARG A 510 -5.46 33.30 -5.83
N GLU A 511 -4.19 33.34 -5.46
CA GLU A 511 -3.44 34.61 -5.40
C GLU A 511 -3.23 35.19 -6.80
N PRO A 512 -3.18 36.53 -6.92
CA PRO A 512 -3.11 37.20 -8.24
C PRO A 512 -2.03 36.67 -9.18
N ASN A 513 -0.92 36.24 -8.60
CA ASN A 513 0.22 35.69 -9.33
C ASN A 513 -0.10 34.36 -10.02
N GLU A 514 -0.88 33.53 -9.34
CA GLU A 514 -1.26 32.20 -9.84
C GLU A 514 -2.05 32.27 -11.13
N LEU A 515 -2.57 33.44 -11.45
CA LEU A 515 -3.44 33.61 -12.61
C LEU A 515 -2.69 33.67 -13.92
N LYS A 516 -1.38 33.94 -13.85
CA LYS A 516 -0.50 33.90 -15.03
C LYS A 516 -0.42 32.50 -15.63
N GLN A 517 -0.78 31.49 -14.85
CA GLN A 517 -0.93 30.11 -15.33
C GLN A 517 -2.24 29.92 -16.12
N GLY A 518 -3.03 30.98 -16.21
CA GLY A 518 -4.31 30.92 -16.90
C GLY A 518 -5.50 30.77 -15.97
N ILE A 520 -10.23 30.18 -15.92
CA ILE A 520 -11.48 29.81 -16.57
C ILE A 520 -12.19 31.09 -17.03
N LYS A 521 -12.73 31.06 -18.24
CA LYS A 521 -13.51 32.19 -18.76
C LYS A 521 -14.56 32.60 -17.74
N GLY A 522 -14.68 33.91 -17.51
CA GLY A 522 -15.71 34.47 -16.63
C GLY A 522 -15.28 34.70 -15.19
N SER A 523 -14.09 34.21 -14.82
CA SER A 523 -13.58 34.29 -13.44
C SER A 523 -13.34 35.69 -12.95
N ILE A 524 -13.66 35.91 -11.68
CA ILE A 524 -13.35 37.13 -10.94
C ILE A 524 -12.43 36.72 -9.79
N ASN A 525 -11.32 37.44 -9.61
CA ASN A 525 -10.28 37.08 -8.63
C ASN A 525 -10.47 37.73 -7.25
N ILE A 526 -10.63 36.88 -6.23
CA ILE A 526 -10.65 37.34 -4.83
C ILE A 526 -9.84 36.35 -4.01
N PRO A 527 -8.61 36.74 -3.60
CA PRO A 527 -7.75 35.81 -2.88
C PRO A 527 -8.38 35.34 -1.58
N LEU A 528 -8.28 34.04 -1.33
CA LEU A 528 -8.85 33.38 -0.16
C LEU A 528 -8.63 34.16 1.13
N ASP A 529 -7.39 34.58 1.36
CA ASP A 529 -7.04 35.30 2.58
C ASP A 529 -7.82 36.61 2.71
N GLU A 530 -7.92 37.34 1.61
CA GLU A 530 -8.66 38.60 1.54
C GLU A 530 -10.20 38.44 1.50
N LEU A 531 -10.68 37.22 1.27
CA LEU A 531 -12.11 36.98 1.00
C LEU A 531 -13.02 37.41 2.15
N ARG A 532 -12.64 37.08 3.37
CA ARG A 532 -13.42 37.44 4.56
C ARG A 532 -13.51 38.96 4.70
N ASP A 533 -12.42 39.64 4.35
CA ASP A 533 -12.33 41.10 4.36
C ASP A 533 -13.17 41.75 3.23
N ARG A 534 -13.41 40.98 2.16
CA ARG A 534 -14.04 41.52 0.96
C ARG A 534 -15.36 40.82 0.60
N LEU A 535 -16.06 40.34 1.62
CA LEU A 535 -17.35 39.68 1.43
C LEU A 535 -18.38 40.56 0.73
N GLU A 536 -18.21 41.88 0.87
CA GLU A 536 -19.13 42.87 0.29
C GLU A 536 -19.23 42.74 -1.24
N GLU A 537 -18.13 42.33 -1.86
CA GLU A 537 -18.05 42.21 -3.31
C GLU A 537 -18.66 40.92 -3.85
N VAL A 538 -19.15 40.06 -2.96
CA VAL A 538 -19.81 38.79 -3.34
C VAL A 538 -21.31 39.03 -3.45
N PRO A 539 -21.89 38.84 -4.66
CA PRO A 539 -23.30 39.12 -4.87
C PRO A 539 -24.19 38.11 -4.18
N VAL A 540 -25.31 38.60 -3.64
CA VAL A 540 -26.29 37.73 -2.97
C VAL A 540 -27.38 37.26 -3.95
N ASP A 541 -27.48 37.91 -5.11
CA ASP A 541 -28.47 37.59 -6.15
C ASP A 541 -28.01 36.60 -7.23
N LYS A 542 -26.84 35.99 -7.04
CA LYS A 542 -26.26 35.03 -8.00
C LYS A 542 -25.80 33.73 -7.32
N ASP A 543 -25.76 32.66 -8.13
CA ASP A 543 -25.20 31.38 -7.73
C ASP A 543 -23.70 31.51 -7.81
N ILE A 544 -23.04 31.35 -6.66
CA ILE A 544 -21.60 31.52 -6.56
C ILE A 544 -20.88 30.21 -6.81
N TYR A 545 -19.86 30.23 -7.67
CA TYR A 545 -19.05 29.06 -7.98
C TYR A 545 -17.60 29.39 -7.63
N ILE A 546 -16.90 28.50 -6.93
CA ILE A 546 -15.56 28.81 -6.45
C ILE A 546 -14.58 27.89 -7.10
N THR A 547 -13.46 28.45 -7.56
CA THR A 547 -12.34 27.65 -8.07
C THR A 547 -11.00 28.12 -7.48
N CYS A 548 -10.12 27.16 -7.21
CA CYS A 548 -8.74 27.49 -6.93
C CYS A 548 -7.86 26.59 -7.79
N GLN A 549 -6.65 26.34 -7.34
CA GLN A 549 -5.71 25.55 -8.11
C GLN A 549 -6.06 24.06 -8.07
N LEU A 550 -6.29 23.54 -6.88
CA LEU A 550 -6.51 22.11 -6.63
C LEU A 550 -7.89 21.77 -6.04
N GLY A 551 -8.61 22.76 -5.54
CA GLY A 551 -9.94 22.49 -4.97
C GLY A 551 -9.99 22.72 -3.46
N ARG A 553 -8.49 25.15 -1.33
CA ARG A 553 -8.76 26.53 -0.99
C ARG A 553 -10.18 26.91 -1.39
N GLY A 554 -10.62 26.39 -2.53
CA GLY A 554 -12.00 26.58 -3.00
C GLY A 554 -12.98 26.00 -2.01
N TYR A 555 -12.69 24.82 -1.49
CA TYR A 555 -13.53 24.24 -0.45
C TYR A 555 -13.62 25.09 0.83
N VAL A 556 -12.48 25.54 1.34
CA VAL A 556 -12.44 26.40 2.53
C VAL A 556 -13.22 27.68 2.28
N ALA A 557 -13.03 28.29 1.11
CA ALA A 557 -13.86 29.46 0.73
C ALA A 557 -15.35 29.12 0.67
N ALA A 558 -15.67 27.96 0.09
CA ALA A 558 -17.05 27.48 0.03
C ALA A 558 -17.67 27.35 1.42
N ARG A 559 -16.91 26.75 2.34
CA ARG A 559 -17.36 26.58 3.73
C ARG A 559 -17.64 27.90 4.42
N LEU A 561 -18.39 30.87 3.02
CA LEU A 561 -19.55 31.56 2.41
C LEU A 561 -20.90 30.92 2.71
N GLU A 563 -21.60 29.26 5.43
CA GLU A 563 -21.82 29.66 6.82
C GLU A 563 -22.36 31.09 6.93
N LYS A 564 -21.97 31.97 5.99
CA LYS A 564 -22.52 33.31 5.94
C LYS A 564 -23.85 33.35 5.18
N GLY A 565 -24.37 32.19 4.83
CA GLY A 565 -25.67 32.06 4.17
C GLY A 565 -25.72 32.22 2.65
N TYR A 566 -24.58 32.14 1.97
CA TYR A 566 -24.55 32.15 0.50
C TYR A 566 -24.83 30.76 -0.05
N LYS A 567 -25.30 30.68 -1.28
CA LYS A 567 -25.42 29.41 -1.95
C LYS A 567 -24.23 29.33 -2.86
N VAL A 568 -23.35 28.40 -2.55
CA VAL A 568 -22.06 28.32 -3.20
C VAL A 568 -21.74 26.86 -3.56
N LYS A 569 -21.02 26.69 -4.66
CA LYS A 569 -20.48 25.40 -5.08
C LYS A 569 -19.00 25.52 -5.45
N ASN A 570 -18.25 24.46 -5.19
CA ASN A 570 -16.81 24.38 -5.47
C ASN A 570 -16.57 23.59 -6.76
N VAL A 571 -15.60 24.03 -7.55
CA VAL A 571 -15.25 23.36 -8.80
C VAL A 571 -14.24 22.27 -8.47
N ASP A 572 -14.73 21.03 -8.46
CA ASP A 572 -13.94 19.85 -8.10
C ASP A 572 -12.68 19.76 -8.98
N GLY A 573 -11.53 19.64 -8.34
CA GLY A 573 -10.24 19.53 -9.02
C GLY A 573 -9.59 20.87 -9.29
N GLY A 574 -10.34 21.97 -9.16
CA GLY A 574 -9.78 23.30 -9.34
C GLY A 574 -9.30 23.57 -10.74
N PHE A 575 -8.46 24.60 -10.90
CA PHE A 575 -7.99 24.96 -12.23
C PHE A 575 -6.98 23.98 -12.83
N LYS A 576 -6.19 23.35 -11.97
CA LYS A 576 -5.22 22.35 -12.40
C LYS A 576 -5.88 21.31 -13.31
N LEU A 577 -6.93 20.66 -12.83
CA LEU A 577 -7.73 19.70 -13.59
C LEU A 577 -8.35 20.27 -14.88
N TYR A 578 -9.09 21.36 -14.72
CA TYR A 578 -9.74 22.03 -15.84
C TYR A 578 -8.78 22.29 -17.01
N GLY A 579 -7.61 22.84 -16.71
CA GLY A 579 -6.63 23.24 -17.70
C GLY A 579 -5.90 22.09 -18.32
N THR A 580 -5.91 20.93 -17.65
CA THR A 580 -5.26 19.74 -18.19
C THR A 580 -6.19 19.07 -19.20
N VAL A 581 -7.49 19.09 -18.91
CA VAL A 581 -8.50 18.38 -19.69
C VAL A 581 -9.06 19.25 -20.83
N LEU A 582 -9.10 20.57 -20.60
CA LEU A 582 -9.59 21.51 -21.58
C LEU A 582 -8.63 22.68 -21.79
N PRO A 583 -7.39 22.38 -22.21
CA PRO A 583 -6.37 23.43 -22.35
C PRO A 583 -6.74 24.48 -23.39
N GLU A 584 -7.47 24.07 -24.42
CA GLU A 584 -7.93 25.00 -25.47
C GLU A 584 -8.90 26.07 -24.96
N ARG A 585 -9.39 25.90 -23.75
CA ARG A 585 -10.37 26.83 -23.17
C ARG A 585 -9.76 27.76 -22.11
N ILE A 586 -8.47 27.62 -21.85
CA ILE A 586 -7.79 28.42 -20.84
C ILE A 586 -7.63 29.86 -21.31
N VAL A 587 -8.03 30.79 -20.47
CA VAL A 587 -7.87 32.22 -20.74
C VAL A 587 -6.66 32.74 -19.97
N TYR A 588 -5.73 33.33 -20.70
CA TYR A 588 -4.47 33.77 -20.14
C TYR A 588 -4.47 35.27 -19.87
N SER B 36 -23.23 30.43 19.14
CA SER B 36 -21.79 30.83 19.23
C SER B 36 -21.16 30.39 20.55
N ARG B 37 -20.05 29.65 20.46
CA ARG B 37 -19.29 29.17 21.62
C ARG B 37 -17.90 29.78 21.63
N LYS B 38 -17.32 29.88 22.82
CA LYS B 38 -15.91 30.19 22.96
C LYS B 38 -15.15 28.89 23.19
N ILE B 39 -14.27 28.56 22.25
CA ILE B 39 -13.49 27.36 22.33
C ILE B 39 -12.03 27.74 22.50
N VAL B 40 -11.39 27.22 23.53
CA VAL B 40 -9.98 27.48 23.78
C VAL B 40 -9.21 26.18 23.62
N VAL B 41 -8.20 26.20 22.76
CA VAL B 41 -7.38 25.02 22.48
C VAL B 41 -5.97 25.23 23.04
N VAL B 42 -5.55 24.35 23.92
CA VAL B 42 -4.20 24.41 24.46
C VAL B 42 -3.29 23.45 23.72
N GLY B 43 -2.22 24.01 23.15
CA GLY B 43 -1.31 23.25 22.29
C GLY B 43 -1.67 23.56 20.86
N GLY B 44 -0.68 23.90 20.04
CA GLY B 44 -0.96 24.28 18.64
C GLY B 44 -0.17 23.52 17.59
N VAL B 45 0.13 22.25 17.85
CA VAL B 45 0.84 21.41 16.87
C VAL B 45 -0.12 20.35 16.30
N ALA B 46 0.14 19.07 16.53
CA ALA B 46 -0.62 18.02 15.84
C ALA B 46 -2.11 18.09 16.15
N GLY B 47 -2.47 17.76 17.39
CA GLY B 47 -3.86 17.71 17.80
C GLY B 47 -4.52 19.07 17.81
N GLY B 48 -3.84 20.07 18.38
CA GLY B 48 -4.42 21.41 18.52
C GLY B 48 -4.72 22.13 17.22
N ALA B 49 -3.76 22.14 16.30
CA ALA B 49 -3.95 22.80 15.00
C ALA B 49 -5.03 22.09 14.17
N SER B 50 -5.09 20.76 14.27
CA SER B 50 -6.10 19.95 13.57
C SER B 50 -7.54 20.26 13.96
N VAL B 51 -7.80 20.25 15.26
CA VAL B 51 -9.15 20.58 15.74
C VAL B 51 -9.54 22.03 15.41
N ALA B 52 -8.63 22.97 15.63
CA ALA B 52 -8.91 24.40 15.40
C ALA B 52 -9.32 24.69 13.95
N ALA B 53 -8.60 24.12 12.99
CA ALA B 53 -8.88 24.35 11.57
C ALA B 53 -10.23 23.80 11.14
N ARG B 54 -10.53 22.55 11.51
CA ARG B 54 -11.82 21.94 11.21
C ARG B 54 -12.93 22.70 11.92
N LEU B 55 -12.71 23.11 13.17
CA LEU B 55 -13.72 23.86 13.89
C LEU B 55 -14.11 25.09 13.10
N ARG B 56 -13.15 25.85 12.60
CA ARG B 56 -13.47 27.00 11.79
C ARG B 56 -14.29 26.61 10.56
N ARG B 57 -13.89 25.55 9.87
CA ARG B 57 -14.64 25.13 8.70
C ARG B 57 -16.08 24.74 9.03
N LEU B 58 -16.33 24.35 10.27
CA LEU B 58 -17.66 23.92 10.69
C LEU B 58 -18.53 25.10 11.09
N SER B 59 -17.91 26.16 11.61
CA SER B 59 -18.65 27.32 12.12
C SER B 59 -17.88 28.63 12.02
N GLU B 60 -18.47 29.60 11.35
CA GLU B 60 -17.88 30.93 11.30
C GLU B 60 -18.11 31.73 12.59
N GLU B 61 -19.12 31.35 13.35
CA GLU B 61 -19.59 32.09 14.51
C GLU B 61 -18.74 31.97 15.78
N ASP B 62 -18.15 30.80 16.01
CA ASP B 62 -17.36 30.59 17.24
C ASP B 62 -16.11 31.42 17.31
N GLU B 63 -15.72 31.73 18.53
CA GLU B 63 -14.49 32.41 18.82
C GLU B 63 -13.53 31.31 19.20
N ILE B 64 -12.49 31.14 18.38
CA ILE B 64 -11.51 30.11 18.67
C ILE B 64 -10.18 30.71 19.08
N ILE B 65 -9.74 30.35 20.27
CA ILE B 65 -8.44 30.77 20.78
C ILE B 65 -7.49 29.58 20.89
N VAL B 67 -3.69 28.48 22.20
CA VAL B 67 -2.63 28.89 23.12
C VAL B 67 -1.48 27.91 23.03
N GLU B 68 -0.33 28.41 22.64
CA GLU B 68 0.85 27.56 22.47
C GLU B 68 2.03 28.19 23.23
N ARG B 69 2.81 27.38 23.93
CA ARG B 69 3.85 27.91 24.81
C ARG B 69 5.13 28.24 24.07
N GLY B 70 5.32 27.62 22.91
CA GLY B 70 6.50 27.85 22.08
C GLY B 70 6.23 28.93 21.06
N GLU B 71 7.19 29.13 20.17
CA GLU B 71 7.17 30.27 19.26
C GLU B 71 6.48 29.93 17.93
N TYR B 72 6.39 28.63 17.62
CA TYR B 72 5.81 28.18 16.36
C TYR B 72 4.57 27.29 16.50
N ILE B 73 3.66 27.42 15.55
CA ILE B 73 2.54 26.48 15.43
C ILE B 73 2.66 25.62 14.18
N SER B 74 2.12 24.40 14.25
CA SER B 74 2.09 23.50 13.10
C SER B 74 3.48 23.13 12.58
N PHE B 75 4.50 23.16 13.41
CA PHE B 75 5.80 22.78 12.91
C PHE B 75 5.85 21.26 12.78
N ALA B 76 6.64 20.81 11.82
CA ALA B 76 6.85 19.39 11.59
C ALA B 76 7.89 18.83 12.54
N ASN B 77 7.49 18.46 13.76
CA ASN B 77 8.47 17.90 14.71
C ASN B 77 9.10 16.58 14.27
N CYS B 78 8.38 15.82 13.45
CA CYS B 78 8.85 14.55 12.91
C CYS B 78 9.98 14.74 11.89
N GLY B 79 10.12 15.96 11.38
CA GLY B 79 11.17 16.32 10.42
C GLY B 79 12.46 16.75 11.08
N LEU B 80 12.38 17.07 12.38
CA LEU B 80 13.53 17.51 13.14
C LEU B 80 14.82 16.66 13.03
N PRO B 81 14.74 15.31 13.19
CA PRO B 81 15.95 14.50 13.03
C PRO B 81 16.58 14.59 11.65
N TYR B 82 15.75 14.86 10.63
CA TYR B 82 16.18 14.93 9.23
C TYR B 82 16.81 16.26 8.98
N TYR B 83 16.36 17.25 9.73
CA TYR B 83 16.99 18.55 9.67
C TYR B 83 18.39 18.47 10.28
N ILE B 84 18.49 17.92 11.49
CA ILE B 84 19.78 17.70 12.14
C ILE B 84 20.69 16.86 11.25
N GLY B 85 20.12 15.89 10.56
CA GLY B 85 20.88 15.04 9.63
C GLY B 85 21.24 15.69 8.30
N GLY B 86 20.75 16.90 8.06
CA GLY B 86 21.02 17.59 6.80
C GLY B 86 20.26 17.01 5.61
N VAL B 87 19.28 16.17 5.87
CA VAL B 87 18.45 15.65 4.78
C VAL B 87 17.46 16.75 4.39
N ILE B 88 16.87 17.39 5.40
CA ILE B 88 16.05 18.58 5.20
C ILE B 88 17.01 19.73 5.37
N THR B 89 17.38 20.35 4.24
CA THR B 89 18.43 21.37 4.27
C THR B 89 17.90 22.74 4.69
N GLU B 90 16.63 22.99 4.39
CA GLU B 90 15.98 24.27 4.60
C GLU B 90 15.16 24.31 5.90
N ARG B 91 15.61 25.12 6.86
CA ARG B 91 14.95 25.24 8.15
C ARG B 91 13.50 25.69 8.01
N GLN B 92 13.26 26.63 7.09
CA GLN B 92 11.96 27.24 6.88
C GLN B 92 10.88 26.22 6.46
N LYS B 93 11.30 25.18 5.74
CA LYS B 93 10.43 24.06 5.35
C LYS B 93 9.79 23.32 6.54
N LEU B 94 10.51 23.24 7.65
CA LEU B 94 9.98 22.62 8.86
C LEU B 94 8.83 23.41 9.47
N LEU B 95 8.71 24.68 9.08
CA LEU B 95 7.66 25.53 9.58
C LEU B 95 6.53 25.62 8.54
N VAL B 96 5.62 24.65 8.61
CA VAL B 96 4.53 24.47 7.65
C VAL B 96 3.69 25.74 7.44
N GLN B 97 2.87 26.10 8.43
CA GLN B 97 2.11 27.35 8.41
C GLN B 97 2.63 28.35 9.43
N THR B 98 2.61 29.63 9.07
CA THR B 98 2.98 30.72 9.98
C THR B 98 1.75 31.17 10.76
N VAL B 99 1.97 31.81 11.91
CA VAL B 99 0.89 32.30 12.77
C VAL B 99 0.04 33.34 12.03
N GLU B 100 0.70 34.25 11.32
CA GLU B 100 0.03 35.31 10.55
C GLU B 100 -0.93 34.72 9.52
N ARG B 101 -0.43 33.79 8.72
CA ARG B 101 -1.20 33.21 7.63
C ARG B 101 -2.39 32.38 8.11
N SER B 103 -3.88 32.41 11.25
CA SER B 103 -4.84 33.23 12.00
C SER B 103 -5.71 34.02 11.03
N LYS B 104 -5.10 34.45 9.94
CA LYS B 104 -5.79 35.15 8.87
C LYS B 104 -6.74 34.23 8.11
N ARG B 105 -6.26 33.06 7.71
CA ARG B 105 -7.08 32.15 6.89
C ARG B 105 -8.29 31.59 7.63
N PHE B 106 -8.14 31.34 8.93
CA PHE B 106 -9.19 30.71 9.74
C PHE B 106 -9.78 31.61 10.82
N ASN B 107 -9.52 32.92 10.73
CA ASN B 107 -10.03 33.87 11.71
C ASN B 107 -9.82 33.32 13.12
N LEU B 108 -8.55 33.02 13.43
CA LEU B 108 -8.16 32.36 14.67
C LEU B 108 -7.37 33.30 15.53
N ASP B 109 -7.71 33.35 16.81
CA ASP B 109 -6.93 34.08 17.81
C ASP B 109 -5.83 33.15 18.31
N ILE B 110 -4.66 33.25 17.70
CA ILE B 110 -3.54 32.40 18.04
C ILE B 110 -2.52 33.11 18.91
N ARG B 111 -2.30 32.56 20.11
CA ARG B 111 -1.39 33.12 21.09
C ARG B 111 -0.15 32.27 21.35
N VAL B 112 0.95 32.59 20.67
CA VAL B 112 2.23 31.88 20.88
C VAL B 112 2.95 32.44 22.08
N LEU B 113 4.00 31.73 22.52
CA LEU B 113 4.73 32.04 23.76
C LEU B 113 3.78 32.34 24.91
N SER B 114 2.71 31.55 25.04
CA SER B 114 1.72 31.71 26.10
C SER B 114 1.52 30.36 26.74
N GLU B 115 1.86 30.24 28.01
CA GLU B 115 1.81 28.97 28.71
C GLU B 115 0.62 28.95 29.64
N VAL B 116 -0.28 27.99 29.41
CA VAL B 116 -1.41 27.82 30.30
C VAL B 116 -0.85 27.22 31.57
N VAL B 117 -1.10 27.90 32.69
CA VAL B 117 -0.49 27.46 33.95
C VAL B 117 -1.50 26.84 34.90
N LYS B 118 -2.78 27.08 34.64
CA LYS B 118 -3.81 26.64 35.57
C LYS B 118 -5.14 26.57 34.86
N ILE B 119 -5.88 25.51 35.14
CA ILE B 119 -7.28 25.43 34.70
C ILE B 119 -8.16 25.64 35.92
N ASN B 120 -9.08 26.58 35.81
CA ASN B 120 -10.03 26.91 36.87
C ASN B 120 -11.42 26.41 36.47
N LYS B 121 -11.67 25.12 36.70
CA LYS B 121 -12.79 24.43 36.07
C LYS B 121 -14.18 24.79 36.61
N GLU B 122 -14.25 25.27 37.84
CA GLU B 122 -15.52 25.73 38.43
C GLU B 122 -15.85 27.11 37.86
N GLU B 123 -14.81 27.92 37.68
CA GLU B 123 -14.92 29.26 37.11
C GLU B 123 -14.98 29.23 35.58
N LYS B 124 -14.59 28.10 35.00
CA LYS B 124 -14.42 27.94 33.54
C LYS B 124 -13.52 29.01 32.98
N THR B 125 -12.36 29.19 33.61
CA THR B 125 -11.32 30.06 33.09
C THR B 125 -10.00 29.31 33.18
N ILE B 126 -9.02 29.77 32.40
CA ILE B 126 -7.65 29.30 32.51
C ILE B 126 -6.74 30.51 32.72
N THR B 127 -5.63 30.27 33.41
CA THR B 127 -4.64 31.31 33.62
C THR B 127 -3.54 31.07 32.61
N ILE B 128 -3.22 32.10 31.84
CA ILE B 128 -2.19 32.04 30.83
C ILE B 128 -1.04 32.91 31.28
N LYS B 129 0.18 32.40 31.18
CA LYS B 129 1.39 33.15 31.50
C LYS B 129 2.15 33.47 30.23
N ASN B 130 2.51 34.74 30.06
CA ASN B 130 3.43 35.15 29.00
C ASN B 130 4.83 34.61 29.28
N VAL B 131 5.41 33.96 28.28
CA VAL B 131 6.73 33.34 28.44
C VAL B 131 7.85 34.39 28.50
N THR B 132 7.65 35.50 27.79
CA THR B 132 8.67 36.54 27.72
C THR B 132 8.73 37.38 28.99
N THR B 133 7.57 37.71 29.55
CA THR B 133 7.51 38.64 30.68
C THR B 133 7.17 37.99 32.03
N ASN B 134 6.63 36.76 31.98
CA ASN B 134 6.15 36.03 33.17
C ASN B 134 4.84 36.59 33.76
N GLU B 135 4.29 37.61 33.11
CA GLU B 135 2.98 38.15 33.49
C GLU B 135 1.86 37.19 33.16
N THR B 136 0.85 37.15 34.04
CA THR B 136 -0.27 36.23 33.86
C THR B 136 -1.60 36.93 33.62
N TYR B 137 -2.56 36.21 33.05
CA TYR B 137 -3.91 36.73 32.87
C TYR B 137 -4.92 35.58 32.74
N ASN B 138 -6.19 35.85 33.02
CA ASN B 138 -7.23 34.82 32.90
C ASN B 138 -8.02 34.94 31.60
N GLU B 139 -8.44 33.79 31.09
CA GLU B 139 -9.20 33.71 29.87
C GLU B 139 -10.35 32.73 30.13
N ALA B 140 -11.59 33.17 29.92
CA ALA B 140 -12.76 32.32 30.11
C ALA B 140 -12.97 31.44 28.91
N TYR B 141 -13.69 30.34 29.11
CA TYR B 141 -14.00 29.42 28.04
C TYR B 141 -15.40 28.83 28.20
N ASP B 142 -16.04 28.51 27.09
CA ASP B 142 -17.24 27.68 27.11
C ASP B 142 -16.81 26.22 26.98
N VAL B 143 -15.85 25.97 26.10
CA VAL B 143 -15.30 24.60 25.93
C VAL B 143 -13.77 24.68 25.92
N LEU B 144 -13.12 23.73 26.58
CA LEU B 144 -11.65 23.68 26.65
C LEU B 144 -11.16 22.37 26.07
N ILE B 145 -10.15 22.47 25.20
CA ILE B 145 -9.56 21.31 24.55
C ILE B 145 -8.08 21.27 24.89
N LEU B 146 -7.64 20.20 25.51
CA LEU B 146 -6.23 20.01 25.84
C LEU B 146 -5.53 19.06 24.86
N SER B 147 -4.49 19.55 24.20
CA SER B 147 -3.63 18.72 23.37
C SER B 147 -2.20 19.08 23.71
N PRO B 148 -1.78 18.83 24.97
CA PRO B 148 -0.49 19.30 25.44
C PRO B 148 0.71 18.41 25.07
N GLY B 149 0.43 17.26 24.47
CA GLY B 149 1.49 16.36 24.02
C GLY B 149 2.18 15.59 25.10
N ALA B 150 3.41 15.16 24.80
CA ALA B 150 4.22 14.40 25.74
C ALA B 150 5.61 15.03 25.88
N LYS B 151 6.29 14.79 27.00
CA LYS B 151 7.62 15.37 27.20
C LYS B 151 8.66 14.27 27.37
N PRO B 152 9.93 14.55 27.03
CA PRO B 152 10.99 13.53 27.22
C PRO B 152 11.21 13.12 28.66
N ILE B 153 11.43 11.83 28.88
CA ILE B 153 11.76 11.30 30.18
C ILE B 153 13.24 11.53 30.45
N VAL B 154 13.55 12.06 31.61
CA VAL B 154 14.94 12.25 32.01
C VAL B 154 15.20 11.34 33.22
N PRO B 155 16.18 10.41 33.10
CA PRO B 155 16.48 9.50 34.19
C PRO B 155 17.40 10.14 35.24
N SER B 156 17.45 9.53 36.43
CA SER B 156 18.31 9.99 37.51
C SER B 156 19.67 9.35 37.34
N ILE B 157 20.50 9.94 36.49
CA ILE B 157 21.87 9.49 36.31
C ILE B 157 22.82 10.49 36.97
N PRO B 158 23.66 10.00 37.91
CA PRO B 158 24.71 10.80 38.51
C PRO B 158 25.54 11.53 37.45
N GLY B 159 25.53 12.87 37.50
CA GLY B 159 26.29 13.69 36.58
C GLY B 159 25.52 14.27 35.39
N ILE B 160 24.20 14.07 35.39
CA ILE B 160 23.35 14.54 34.30
C ILE B 160 23.15 16.07 34.29
N GLU B 161 23.60 16.72 35.37
CA GLU B 161 23.46 18.17 35.49
C GLU B 161 24.75 18.90 35.18
N GLU B 162 25.87 18.18 35.24
CA GLU B 162 27.16 18.70 34.82
C GLU B 162 27.34 18.57 33.31
N ALA B 163 26.42 17.84 32.67
CA ALA B 163 26.55 17.49 31.25
C ALA B 163 26.25 18.67 30.31
N LYS B 164 27.29 19.13 29.63
CA LYS B 164 27.17 20.25 28.70
C LYS B 164 26.61 19.82 27.33
N ALA B 165 26.96 18.61 26.92
CA ALA B 165 26.59 18.13 25.59
C ALA B 165 25.50 17.04 25.62
N LEU B 166 24.51 17.24 26.49
CA LEU B 166 23.38 16.32 26.64
C LEU B 166 22.09 16.94 26.09
N PHE B 167 21.51 16.28 25.08
CA PHE B 167 20.33 16.81 24.38
C PHE B 167 19.17 15.84 24.35
N THR B 168 17.97 16.36 24.53
CA THR B 168 16.74 15.64 24.20
C THR B 168 16.10 16.40 23.04
N LEU B 169 15.34 15.69 22.21
CA LEU B 169 14.77 16.32 21.03
C LEU B 169 13.25 16.29 21.10
N ARG B 170 12.64 17.48 21.24
CA ARG B 170 11.19 17.64 21.17
C ARG B 170 10.73 18.79 20.26
N ASN B 171 11.35 19.95 20.39
CA ASN B 171 10.92 21.10 19.60
C ASN B 171 12.04 21.76 18.80
N VAL B 172 11.71 22.87 18.14
CA VAL B 172 12.65 23.60 17.28
C VAL B 172 13.87 24.14 18.05
N PRO B 173 13.65 24.90 19.14
CA PRO B 173 14.79 25.37 19.94
C PRO B 173 15.75 24.27 20.38
N ASP B 174 15.24 23.13 20.84
CA ASP B 174 16.08 21.96 21.14
C ASP B 174 16.90 21.54 19.92
N THR B 175 16.28 21.65 18.76
CA THR B 175 16.89 21.27 17.50
C THR B 175 18.01 22.23 17.12
N ASP B 176 17.72 23.52 17.22
CA ASP B 176 18.73 24.54 16.98
C ASP B 176 19.93 24.36 17.93
N ARG B 177 19.67 23.98 19.17
CA ARG B 177 20.73 23.72 20.15
C ARG B 177 21.69 22.64 19.69
N ILE B 178 21.14 21.49 19.32
CA ILE B 178 21.93 20.36 18.81
C ILE B 178 22.68 20.75 17.55
N LYS B 179 21.96 21.33 16.59
CA LYS B 179 22.55 21.80 15.34
C LYS B 179 23.72 22.78 15.58
N ALA B 180 23.50 23.80 16.42
CA ALA B 180 24.55 24.74 16.80
C ALA B 180 25.73 24.04 17.49
N TYR B 181 25.42 23.04 18.33
CA TYR B 181 26.46 22.29 19.01
C TYR B 181 27.35 21.57 18.03
N ILE B 182 26.73 20.88 17.08
CA ILE B 182 27.48 20.14 16.06
C ILE B 182 28.32 21.08 15.17
N ASP B 183 27.76 22.24 14.80
CA ASP B 183 28.50 23.27 14.04
C ASP B 183 29.78 23.73 14.77
N GLU B 184 29.65 24.09 16.04
CA GLU B 184 30.73 24.71 16.80
C GLU B 184 31.81 23.77 17.31
N LYS B 185 31.40 22.60 17.80
CA LYS B 185 32.30 21.68 18.50
C LYS B 185 32.76 20.51 17.64
N LYS B 186 32.12 20.35 16.48
CA LYS B 186 32.41 19.27 15.55
C LYS B 186 32.71 17.93 16.24
N PRO B 187 31.68 17.33 16.87
CA PRO B 187 31.82 16.07 17.61
C PRO B 187 32.22 14.87 16.72
N ARG B 188 33.20 14.09 17.15
CA ARG B 188 33.65 12.94 16.39
C ARG B 188 32.76 11.73 16.68
N HIS B 189 32.17 11.72 17.87
CA HIS B 189 31.43 10.58 18.39
C HIS B 189 30.22 11.01 19.22
N ALA B 190 29.07 10.39 18.94
CA ALA B 190 27.85 10.64 19.70
C ALA B 190 27.36 9.33 20.31
N THR B 191 26.79 9.45 21.50
CA THR B 191 26.18 8.32 22.18
C THR B 191 24.71 8.59 22.24
N VAL B 192 23.94 7.60 21.80
CA VAL B 192 22.51 7.68 21.88
C VAL B 192 22.08 6.71 22.97
N ILE B 193 21.36 7.25 23.95
CA ILE B 193 20.79 6.47 25.02
C ILE B 193 19.32 6.20 24.74
N GLY B 194 19.00 4.93 24.49
CA GLY B 194 17.63 4.51 24.25
C GLY B 194 17.49 4.17 22.80
N GLY B 195 17.08 2.93 22.54
CA GLY B 195 17.01 2.39 21.18
C GLY B 195 15.60 2.24 20.65
N GLY B 196 14.74 3.22 20.92
CA GLY B 196 13.38 3.19 20.39
C GLY B 196 13.32 3.93 19.08
N PHE B 197 12.11 4.33 18.66
CA PHE B 197 11.98 4.99 17.37
C PHE B 197 12.78 6.29 17.27
N ILE B 198 12.69 7.18 18.28
CA ILE B 198 13.44 8.43 18.27
C ILE B 198 14.94 8.14 18.20
N GLY B 199 15.41 7.29 19.11
CA GLY B 199 16.83 6.95 19.21
C GLY B 199 17.45 6.47 17.92
N VAL B 200 16.74 5.56 17.24
CA VAL B 200 17.22 4.98 15.99
C VAL B 200 17.33 6.02 14.86
N GLU B 201 16.29 6.85 14.68
CA GLU B 201 16.33 7.92 13.67
C GLU B 201 17.47 8.88 13.94
N VAL B 203 20.26 8.05 15.56
CA VAL B 203 21.48 7.30 15.16
C VAL B 203 21.76 7.44 13.67
N GLU B 204 20.71 7.31 12.85
CA GLU B 204 20.85 7.31 11.41
C GLU B 204 21.32 8.66 10.93
N ASN B 205 20.69 9.68 11.46
CA ASN B 205 20.98 11.03 11.04
C ASN B 205 22.33 11.56 11.49
N LEU B 206 22.81 11.13 12.66
CA LEU B 206 24.17 11.48 13.09
C LEU B 206 25.21 10.73 12.28
N ARG B 207 24.96 9.45 12.05
CA ARG B 207 25.83 8.64 11.23
C ARG B 207 26.08 9.26 9.86
N GLU B 208 25.02 9.67 9.20
CA GLU B 208 25.09 10.28 7.88
C GLU B 208 25.87 11.60 7.82
N ARG B 209 25.80 12.38 8.89
CA ARG B 209 26.69 13.53 9.08
C ARG B 209 28.15 13.14 9.24
N GLY B 210 28.42 11.83 9.29
CA GLY B 210 29.82 11.32 9.42
C GLY B 210 30.31 11.13 10.84
N ILE B 211 29.41 11.27 11.82
CA ILE B 211 29.72 11.12 13.24
C ILE B 211 29.67 9.65 13.65
N GLU B 212 30.65 9.19 14.41
CA GLU B 212 30.63 7.84 14.95
C GLU B 212 29.54 7.74 16.00
N VAL B 213 28.87 6.60 16.08
CA VAL B 213 27.71 6.47 16.98
C VAL B 213 27.70 5.16 17.75
N THR B 214 27.41 5.29 19.04
CA THR B 214 27.17 4.16 19.92
C THR B 214 25.72 4.29 20.41
N LEU B 215 24.95 3.23 20.25
CA LEU B 215 23.60 3.14 20.78
C LEU B 215 23.64 2.28 22.04
N VAL B 216 23.18 2.85 23.15
CA VAL B 216 23.12 2.12 24.42
C VAL B 216 21.67 1.82 24.70
N GLU B 217 21.35 0.54 24.90
CA GLU B 217 19.97 0.14 25.12
C GLU B 217 19.86 -0.75 26.35
N ALA B 219 17.18 -2.78 26.95
CA ALA B 219 16.60 -4.03 26.50
C ALA B 219 17.63 -4.84 25.71
N ASN B 220 17.29 -6.08 25.36
CA ASN B 220 18.16 -6.85 24.47
C ASN B 220 17.97 -6.58 22.97
N GLN B 221 17.20 -5.54 22.64
CA GLN B 221 16.92 -5.20 21.25
C GLN B 221 16.62 -3.71 21.10
N VAL B 222 16.80 -3.19 19.88
CA VAL B 222 16.26 -1.89 19.50
C VAL B 222 14.74 -2.04 19.20
N PRO B 224 11.20 -1.56 20.73
CA PRO B 224 10.29 -2.43 21.50
C PRO B 224 9.02 -2.91 20.79
N PRO B 225 8.37 -2.08 19.92
CA PRO B 225 7.16 -2.55 19.23
C PRO B 225 7.39 -3.76 18.31
N ILE B 226 8.63 -3.99 17.88
CA ILE B 226 8.91 -5.14 17.05
C ILE B 226 9.54 -6.28 17.86
N ASP B 227 9.39 -7.51 17.37
CA ASP B 227 9.83 -8.67 18.12
C ASP B 227 11.30 -8.96 17.90
N TYR B 228 11.84 -9.77 18.78
CA TYR B 228 13.26 -10.03 18.82
C TYR B 228 13.85 -10.47 17.49
N GLU B 229 13.21 -11.43 16.82
CA GLU B 229 13.78 -11.96 15.60
C GLU B 229 13.79 -10.93 14.49
N ALA B 231 14.10 -7.68 15.10
CA ALA B 231 15.10 -6.71 15.50
C ALA B 231 16.49 -7.22 15.11
N ALA B 232 16.65 -8.53 15.00
CA ALA B 232 17.91 -9.12 14.57
C ALA B 232 18.32 -8.65 13.18
N TYR B 233 17.35 -8.50 12.27
CA TYR B 233 17.63 -7.94 10.95
C TYR B 233 18.07 -6.49 11.08
N VAL B 234 17.38 -5.72 11.91
CA VAL B 234 17.75 -4.32 12.11
C VAL B 234 19.13 -4.17 12.71
N HIS B 235 19.45 -4.95 13.75
CA HIS B 235 20.75 -4.87 14.39
C HIS B 235 21.83 -5.17 13.35
N GLU B 236 21.58 -6.19 12.52
CA GLU B 236 22.59 -6.63 11.56
C GLU B 236 22.84 -5.50 10.54
N HIS B 237 21.77 -4.85 10.08
CA HIS B 237 21.87 -3.70 9.19
C HIS B 237 22.59 -2.48 9.79
N LYS B 239 24.78 -2.50 12.21
CA LYS B 239 26.20 -2.89 12.32
C LYS B 239 26.97 -2.73 11.01
N ASN B 240 26.37 -3.12 9.89
CA ASN B 240 26.97 -2.92 8.57
C ASN B 240 27.14 -1.43 8.22
N HIS B 241 26.45 -0.56 8.94
CA HIS B 241 26.67 0.87 8.79
C HIS B 241 27.55 1.43 9.92
N ASP B 242 28.23 0.54 10.64
CA ASP B 242 29.21 0.94 11.65
C ASP B 242 28.62 1.68 12.87
N VAL B 243 27.44 1.26 13.32
CA VAL B 243 26.91 1.72 14.58
C VAL B 243 27.34 0.67 15.60
N GLU B 244 27.85 1.13 16.75
CA GLU B 244 28.17 0.23 17.84
C GLU B 244 26.91 0.11 18.70
N LEU B 245 26.43 -1.12 18.88
CA LEU B 245 25.22 -1.38 19.64
C LEU B 245 25.59 -2.05 20.98
N VAL B 246 25.09 -1.49 22.06
CA VAL B 246 25.33 -2.00 23.39
C VAL B 246 24.00 -2.36 24.02
N PHE B 247 23.76 -3.66 24.19
CA PHE B 247 22.48 -4.16 24.72
C PHE B 247 22.53 -4.53 26.19
N GLU B 248 21.35 -4.54 26.81
CA GLU B 248 21.22 -4.92 28.20
C GLU B 248 22.29 -4.21 29.03
N ASP B 249 22.36 -2.90 28.85
CA ASP B 249 23.32 -2.05 29.54
C ASP B 249 22.64 -0.70 29.73
N GLY B 250 23.13 0.06 30.70
CA GLY B 250 22.59 1.38 30.96
C GLY B 250 23.73 2.27 31.41
N VAL B 251 23.49 3.56 31.48
CA VAL B 251 24.49 4.49 31.99
C VAL B 251 24.41 4.44 33.52
N ASP B 252 25.57 4.21 34.15
CA ASP B 252 25.68 4.29 35.60
C ASP B 252 26.05 5.71 36.02
N ALA B 253 26.90 6.36 35.23
CA ALA B 253 27.37 7.71 35.51
C ALA B 253 27.88 8.46 34.27
N LEU B 254 27.80 9.79 34.35
CA LEU B 254 28.34 10.68 33.34
C LEU B 254 29.52 11.46 33.92
N GLU B 255 30.73 11.05 33.59
CA GLU B 255 31.95 11.67 34.11
C GLU B 255 32.49 12.75 33.17
N GLU B 256 33.58 13.38 33.60
CA GLU B 256 34.28 14.46 32.88
C GLU B 256 33.37 15.30 32.00
N ASN B 257 32.25 15.73 32.59
CA ASN B 257 31.28 16.66 31.97
C ASN B 257 30.32 16.02 30.97
N GLY B 258 30.11 14.71 31.11
CA GLY B 258 29.32 13.94 30.15
C GLY B 258 30.17 13.29 29.06
N ALA B 259 31.44 13.67 28.97
CA ALA B 259 32.33 13.18 27.92
C ALA B 259 32.72 11.73 28.17
N VAL B 260 32.50 11.27 29.39
CA VAL B 260 32.72 9.88 29.76
C VAL B 260 31.41 9.27 30.20
N VAL B 261 31.04 8.18 29.56
CA VAL B 261 29.86 7.45 29.94
C VAL B 261 30.37 6.18 30.59
N ARG B 262 30.02 6.00 31.86
CA ARG B 262 30.25 4.75 32.55
C ARG B 262 29.00 3.91 32.43
N LEU B 263 29.15 2.70 31.90
CA LEU B 263 28.02 1.79 31.76
C LEU B 263 27.95 0.78 32.93
N LYS B 264 26.74 0.30 33.20
CA LYS B 264 26.49 -0.67 34.27
C LYS B 264 27.33 -1.93 34.15
N SER B 265 27.69 -2.29 32.92
CA SER B 265 28.52 -3.45 32.64
C SER B 265 30.00 -3.18 32.90
N GLY B 266 30.35 -1.94 33.20
CA GLY B 266 31.73 -1.59 33.42
C GLY B 266 32.43 -0.95 32.24
N SER B 267 31.84 -1.10 31.05
CA SER B 267 32.35 -0.44 29.87
C SER B 267 32.32 1.09 29.97
N VAL B 268 33.28 1.71 29.33
CA VAL B 268 33.44 3.16 29.37
C VAL B 268 33.36 3.67 27.92
N ILE B 269 32.56 4.70 27.71
CA ILE B 269 32.42 5.29 26.37
C ILE B 269 32.93 6.72 26.38
N GLN B 270 33.95 7.00 25.59
CA GLN B 270 34.38 8.38 25.36
C GLN B 270 33.55 8.97 24.23
N THR B 271 32.98 10.13 24.47
CA THR B 271 31.99 10.67 23.59
C THR B 271 32.03 12.20 23.59
N ASP B 272 31.46 12.80 22.56
CA ASP B 272 31.45 14.26 22.41
C ASP B 272 30.06 14.86 22.59
N LEU B 274 25.77 13.50 23.88
CA LEU B 274 24.87 12.48 24.35
C LEU B 274 23.45 12.87 24.02
N ILE B 275 22.76 12.01 23.27
CA ILE B 275 21.36 12.23 22.96
C ILE B 275 20.52 11.31 23.83
N LEU B 276 19.62 11.88 24.61
CA LEU B 276 18.76 11.08 25.45
C LEU B 276 17.45 10.79 24.77
N ALA B 277 17.20 9.53 24.46
CA ALA B 277 15.93 9.18 23.84
C ALA B 277 15.31 7.94 24.52
N ILE B 278 14.81 8.10 25.74
CA ILE B 278 14.38 6.93 26.49
C ILE B 278 12.88 6.85 26.76
N GLY B 279 12.08 7.49 25.92
CA GLY B 279 10.64 7.45 26.10
C GLY B 279 10.08 8.80 26.43
N VAL B 280 8.76 8.90 26.37
CA VAL B 280 8.08 10.16 26.65
C VAL B 280 7.01 9.90 27.70
N GLN B 281 6.63 10.94 28.42
CA GLN B 281 5.53 10.86 29.37
C GLN B 281 4.50 11.93 29.05
N PRO B 282 3.21 11.64 29.29
CA PRO B 282 2.16 12.61 29.01
C PRO B 282 2.38 13.93 29.75
N GLU B 283 2.17 15.03 29.06
CA GLU B 283 2.19 16.37 29.68
C GLU B 283 0.83 16.62 30.31
N SER B 284 0.52 15.93 31.40
CA SER B 284 -0.82 15.97 31.97
C SER B 284 -0.93 16.75 33.30
N SER B 285 0.12 17.46 33.68
CA SER B 285 0.14 18.21 34.93
C SER B 285 -0.98 19.23 35.02
N LEU B 286 -1.38 19.78 33.88
CA LEU B 286 -2.52 20.71 33.81
C LEU B 286 -3.85 20.06 34.21
N ALA B 287 -4.10 18.87 33.70
CA ALA B 287 -5.26 18.04 34.01
C ALA B 287 -5.23 17.53 35.45
N LYS B 288 -4.05 17.13 35.89
CA LYS B 288 -3.78 16.68 37.25
C LYS B 288 -4.10 17.82 38.22
N GLY B 289 -3.57 19.01 37.93
CA GLY B 289 -3.82 20.20 38.72
C GLY B 289 -5.28 20.55 38.81
N ALA B 290 -6.03 20.31 37.73
CA ALA B 290 -7.47 20.57 37.72
C ALA B 290 -8.31 19.43 38.34
N GLY B 291 -7.66 18.39 38.86
CA GLY B 291 -8.37 17.25 39.46
C GLY B 291 -9.12 16.37 38.47
N LEU B 292 -8.66 16.35 37.22
CA LEU B 292 -9.25 15.51 36.20
C LEU B 292 -8.69 14.12 36.41
N ALA B 293 -9.50 13.11 36.09
CA ALA B 293 -9.10 11.71 36.28
C ALA B 293 -7.95 11.35 35.36
N LEU B 294 -7.03 10.56 35.88
CA LEU B 294 -5.86 10.09 35.14
C LEU B 294 -5.88 8.57 34.88
N GLY B 295 -5.04 8.13 33.95
CA GLY B 295 -4.99 6.72 33.59
C GLY B 295 -3.58 6.18 33.61
N VAL B 296 -3.39 5.10 32.85
CA VAL B 296 -2.09 4.48 32.69
C VAL B 296 -1.01 5.49 32.36
N ARG B 297 0.14 5.36 33.04
CA ARG B 297 1.30 6.24 32.89
C ARG B 297 1.02 7.72 33.10
N GLY B 298 -0.05 8.05 33.83
CA GLY B 298 -0.41 9.45 34.08
C GLY B 298 -1.01 10.12 32.86
N THR B 299 -1.60 9.34 31.95
CA THR B 299 -2.35 9.89 30.84
C THR B 299 -3.66 10.49 31.34
N ILE B 300 -4.17 11.47 30.61
CA ILE B 300 -5.50 12.01 30.85
C ILE B 300 -6.54 10.97 30.42
N LYS B 301 -7.44 10.63 31.33
CA LYS B 301 -8.46 9.65 31.05
C LYS B 301 -9.59 10.35 30.31
N VAL B 302 -10.04 9.79 29.20
CA VAL B 302 -11.14 10.36 28.41
C VAL B 302 -12.15 9.27 28.04
N ASN B 303 -13.38 9.67 27.76
CA ASN B 303 -14.38 8.75 27.24
C ASN B 303 -14.26 8.67 25.72
N GLU B 304 -15.23 8.01 25.08
CA GLU B 304 -15.28 7.74 23.64
C GLU B 304 -15.39 9.02 22.80
N LYS B 305 -15.80 10.11 23.43
CA LYS B 305 -15.91 11.41 22.77
C LYS B 305 -14.81 12.40 23.22
N PHE B 306 -13.76 11.87 23.84
CA PHE B 306 -12.57 12.62 24.24
C PHE B 306 -12.89 13.60 25.39
N GLN B 307 -13.99 13.35 26.09
CA GLN B 307 -14.37 14.17 27.25
C GLN B 307 -13.63 13.65 28.48
N THR B 308 -13.02 14.57 29.21
CA THR B 308 -12.38 14.25 30.47
C THR B 308 -13.46 14.04 31.54
N SER B 309 -13.06 13.81 32.78
CA SER B 309 -14.03 13.71 33.86
C SER B 309 -14.84 15.01 34.09
N ASP B 310 -14.41 16.14 33.49
CA ASP B 310 -15.18 17.39 33.49
C ASP B 310 -15.92 17.57 32.14
N PRO B 311 -17.24 17.83 32.18
CA PRO B 311 -18.03 17.88 30.94
C PRO B 311 -17.62 18.94 29.89
N HIS B 312 -17.01 20.05 30.31
CA HIS B 312 -16.59 21.10 29.35
C HIS B 312 -15.10 21.09 28.96
N ILE B 313 -14.40 20.04 29.37
CA ILE B 313 -12.98 19.90 29.06
C ILE B 313 -12.77 18.59 28.29
N TYR B 314 -12.11 18.71 27.12
CA TYR B 314 -11.80 17.58 26.23
C TYR B 314 -10.28 17.46 26.12
N ALA B 315 -9.79 16.26 25.78
CA ALA B 315 -8.35 16.07 25.61
C ALA B 315 -8.06 15.08 24.48
N ILE B 316 -7.04 15.39 23.69
CA ILE B 316 -6.62 14.54 22.56
C ILE B 316 -5.11 14.50 22.53
N GLY B 317 -4.54 13.70 21.61
CA GLY B 317 -3.10 13.71 21.35
C GLY B 317 -2.36 12.71 22.20
N ASP B 318 -1.03 12.88 22.29
CA ASP B 318 -0.19 11.99 23.11
C ASP B 318 -0.53 11.90 24.58
N ALA B 319 -1.27 12.87 25.10
CA ALA B 319 -1.46 12.99 26.54
C ALA B 319 -2.58 12.08 27.05
N ILE B 320 -3.34 11.47 26.14
CA ILE B 320 -4.52 10.71 26.56
C ILE B 320 -4.35 9.20 26.58
N GLU B 321 -5.21 8.56 27.38
CA GLU B 321 -5.27 7.12 27.48
C GLU B 321 -6.13 6.63 26.32
N VAL B 322 -5.57 5.75 25.50
CA VAL B 322 -6.32 5.16 24.40
C VAL B 322 -6.47 3.67 24.63
N LYS B 323 -7.53 3.11 24.07
CA LYS B 323 -7.71 1.68 24.08
C LYS B 323 -7.12 1.15 22.79
N ASP B 324 -6.26 0.16 22.90
CA ASP B 324 -5.73 -0.39 21.68
C ASP B 324 -6.88 -1.07 20.91
N PHE B 325 -6.94 -0.84 19.61
CA PHE B 325 -7.97 -1.44 18.77
C PHE B 325 -8.10 -2.96 18.92
N VAL B 326 -6.98 -3.66 19.07
CA VAL B 326 -7.00 -5.10 18.99
C VAL B 326 -7.65 -5.76 20.23
N THR B 327 -7.24 -5.33 21.42
CA THR B 327 -7.70 -5.97 22.68
C THR B 327 -8.49 -5.06 23.59
N GLU B 328 -8.54 -3.77 23.25
CA GLU B 328 -9.25 -2.77 24.05
C GLU B 328 -8.64 -2.59 25.45
N THR B 329 -7.35 -2.95 25.57
CA THR B 329 -6.54 -2.63 26.74
C THR B 329 -6.15 -1.15 26.68
N GLU B 330 -6.34 -0.47 27.81
CA GLU B 330 -5.99 0.93 27.96
C GLU B 330 -4.47 1.10 27.82
N THR B 331 -4.08 2.02 26.96
CA THR B 331 -2.67 2.24 26.69
C THR B 331 -2.37 3.70 26.33
N ILE B 333 -0.35 5.71 23.28
CA ILE B 333 0.30 5.57 21.96
C ILE B 333 0.48 6.94 21.30
N PRO B 334 1.66 7.56 21.50
CA PRO B 334 2.06 8.90 21.08
C PRO B 334 2.51 9.06 19.62
N LEU B 335 1.59 8.88 18.67
CA LEU B 335 1.93 8.96 17.24
C LEU B 335 1.12 10.06 16.61
N ALA B 336 1.58 10.59 15.47
CA ALA B 336 0.97 11.77 14.84
C ALA B 336 -0.34 11.50 14.12
N TRP B 337 -0.46 10.34 13.46
CA TRP B 337 -1.69 10.02 12.76
C TRP B 337 -2.83 10.05 13.75
N PRO B 338 -2.71 9.34 14.89
CA PRO B 338 -3.81 9.38 15.86
C PRO B 338 -4.12 10.78 16.42
N ALA B 339 -3.11 11.57 16.77
CA ALA B 339 -3.31 12.92 17.26
C ALA B 339 -4.03 13.76 16.21
N ASN B 340 -3.64 13.61 14.95
CA ASN B 340 -4.37 14.30 13.87
C ASN B 340 -5.82 13.86 13.71
N ARG B 341 -6.07 12.56 13.76
CA ARG B 341 -7.43 12.03 13.59
C ARG B 341 -8.33 12.39 14.78
N GLN B 342 -7.79 12.23 15.98
CA GLN B 342 -8.54 12.60 17.20
C GLN B 342 -8.97 14.06 17.18
N GLY B 343 -8.08 14.97 16.77
CA GLY B 343 -8.46 16.40 16.66
C GLY B 343 -9.58 16.68 15.64
N ARG B 344 -9.47 16.05 14.48
CA ARG B 344 -10.47 16.21 13.42
C ARG B 344 -11.79 15.60 13.86
N LEU B 346 -12.80 15.22 17.09
CA LEU B 346 -13.32 16.04 18.17
C LEU B 346 -13.99 17.29 17.64
N ALA B 347 -13.43 17.87 16.59
CA ALA B 347 -14.07 19.00 15.93
C ALA B 347 -15.49 18.64 15.48
N ASP B 348 -15.63 17.44 14.91
CA ASP B 348 -16.93 16.90 14.48
C ASP B 348 -17.87 16.62 15.66
N ILE B 349 -17.32 16.19 16.80
CA ILE B 349 -18.12 15.93 18.00
C ILE B 349 -18.74 17.23 18.53
N ILE B 350 -17.96 18.29 18.53
CA ILE B 350 -18.41 19.59 19.02
C ILE B 350 -19.36 20.30 18.06
N HIS B 351 -19.04 20.31 16.76
CA HIS B 351 -19.74 21.12 15.75
C HIS B 351 -20.14 20.40 14.48
N GLY B 352 -19.86 19.10 14.39
CA GLY B 352 -20.16 18.33 13.18
C GLY B 352 -21.46 17.57 13.29
N HIS B 353 -21.68 16.65 12.36
CA HIS B 353 -22.95 15.93 12.26
C HIS B 353 -22.99 14.75 13.23
N THR B 354 -23.25 13.56 12.71
CA THR B 354 -23.27 12.32 13.51
C THR B 354 -21.92 12.12 14.23
N ASP B 355 -22.02 11.60 15.47
CA ASP B 355 -20.84 11.25 16.23
C ASP B 355 -20.34 9.86 15.84
N SER B 356 -19.23 9.84 15.10
CA SER B 356 -18.43 8.63 14.96
C SER B 356 -17.52 8.61 16.17
N LEU B 357 -17.49 7.48 16.87
CA LEU B 357 -16.75 7.33 18.11
C LEU B 357 -15.38 6.70 17.85
N TYR B 358 -14.41 7.04 18.69
CA TYR B 358 -13.06 6.52 18.54
C TYR B 358 -13.01 5.09 19.04
N LYS B 359 -12.72 4.16 18.14
CA LYS B 359 -12.70 2.73 18.46
C LYS B 359 -11.31 2.19 18.78
N GLY B 360 -10.40 3.09 19.13
CA GLY B 360 -9.07 2.72 19.60
C GLY B 360 -7.99 2.89 18.56
N THR B 361 -6.74 2.72 18.98
CA THR B 361 -5.58 2.91 18.13
C THR B 361 -4.98 1.54 17.78
N LEU B 362 -4.62 1.37 16.52
CA LEU B 362 -3.97 0.17 16.09
C LEU B 362 -2.50 0.25 16.45
N GLY B 363 -1.94 1.45 16.30
CA GLY B 363 -0.54 1.70 16.62
C GLY B 363 0.36 1.44 15.43
N THR B 364 -0.12 1.74 14.24
CA THR B 364 0.67 1.53 13.03
C THR B 364 1.83 2.52 13.01
N SER B 365 3.04 1.99 12.94
CA SER B 365 4.22 2.84 12.83
C SER B 365 5.21 2.33 11.78
N VAL B 366 6.00 3.25 11.26
CA VAL B 366 7.00 2.95 10.26
C VAL B 366 8.27 3.75 10.56
N ALA B 367 9.42 3.15 10.30
CA ALA B 367 10.66 3.88 10.46
C ALA B 367 11.63 3.52 9.37
N LYS B 368 12.44 4.50 9.01
CA LYS B 368 13.50 4.34 8.04
C LYS B 368 14.74 4.13 8.88
N VAL B 369 15.45 3.05 8.61
CA VAL B 369 16.65 2.67 9.33
C VAL B 369 17.74 2.45 8.30
N PHE B 370 18.42 3.53 7.94
CA PHE B 370 19.37 3.54 6.84
C PHE B 370 18.64 3.13 5.56
N ASP B 371 18.99 1.99 4.99
CA ASP B 371 18.36 1.52 3.75
C ASP B 371 17.13 0.64 4.00
N LEU B 372 16.80 0.40 5.27
CA LEU B 372 15.78 -0.56 5.62
C LEU B 372 14.54 0.20 6.09
N THR B 373 13.37 -0.30 5.71
CA THR B 373 12.11 0.19 6.23
C THR B 373 11.61 -0.87 7.20
N VAL B 374 11.15 -0.44 8.36
CA VAL B 374 10.62 -1.33 9.39
C VAL B 374 9.25 -0.83 9.74
N ALA B 375 8.25 -1.72 9.77
CA ALA B 375 6.91 -1.28 10.12
C ALA B 375 6.22 -2.29 11.04
N THR B 376 5.29 -1.80 11.84
CA THR B 376 4.58 -2.61 12.81
C THR B 376 3.18 -2.08 12.94
N THR B 377 2.28 -2.97 13.35
CA THR B 377 0.88 -2.65 13.61
C THR B 377 0.30 -3.68 14.59
N GLY B 378 -0.59 -3.25 15.45
CA GLY B 378 -1.26 -4.15 16.40
C GLY B 378 -0.30 -4.56 17.48
N LEU B 379 -0.52 -5.73 18.04
CA LEU B 379 0.23 -6.24 19.17
C LEU B 379 1.39 -7.11 18.71
N ASN B 380 2.43 -7.20 19.51
CA ASN B 380 3.55 -8.09 19.19
C ASN B 380 3.53 -9.27 20.16
N GLU B 381 4.38 -10.28 19.93
CA GLU B 381 4.43 -11.45 20.78
C GLU B 381 4.69 -11.15 22.25
N LYS B 382 5.54 -10.15 22.53
CA LYS B 382 5.92 -9.80 23.90
C LYS B 382 4.72 -9.32 24.71
N ILE B 383 3.86 -8.53 24.07
CA ILE B 383 2.62 -8.05 24.71
C ILE B 383 1.61 -9.20 24.83
N LEU B 384 1.45 -10.00 23.78
CA LEU B 384 0.50 -11.11 23.81
C LEU B 384 0.81 -12.13 24.91
N LYS B 385 2.10 -12.48 25.03
CA LYS B 385 2.63 -13.32 26.10
C LYS B 385 2.37 -12.69 27.48
N ARG B 386 2.58 -11.39 27.60
CA ARG B 386 2.31 -10.69 28.85
C ARG B 386 0.84 -10.73 29.25
N LEU B 387 -0.05 -10.75 28.26
CA LEU B 387 -1.49 -10.80 28.52
C LEU B 387 -2.03 -12.24 28.54
N ASN B 388 -1.14 -13.21 28.37
CA ASN B 388 -1.53 -14.62 28.34
C ASN B 388 -2.58 -14.96 27.26
N ILE B 389 -2.48 -14.34 26.09
CA ILE B 389 -3.41 -14.60 24.97
C ILE B 389 -2.75 -15.60 24.05
N PRO B 390 -3.42 -16.71 23.71
CA PRO B 390 -2.77 -17.67 22.82
C PRO B 390 -2.74 -17.15 21.38
N TYR B 391 -1.66 -17.43 20.66
CA TYR B 391 -1.52 -16.93 19.30
C TYR B 391 -0.64 -17.84 18.48
N GLU B 392 -0.72 -17.67 17.17
CA GLU B 392 0.21 -18.36 16.27
C GLU B 392 0.87 -17.26 15.47
N VAL B 393 2.01 -17.55 14.88
CA VAL B 393 2.74 -16.58 14.07
C VAL B 393 3.24 -17.26 12.82
N VAL B 394 3.41 -16.47 11.77
CA VAL B 394 3.97 -16.99 10.53
C VAL B 394 4.93 -15.91 10.03
N HIS B 395 6.07 -16.32 9.48
CA HIS B 395 7.07 -15.41 8.95
C HIS B 395 7.17 -15.74 7.47
N VAL B 396 6.84 -14.79 6.61
CA VAL B 396 6.89 -15.03 5.17
C VAL B 396 7.74 -13.98 4.49
N GLN B 397 8.80 -14.41 3.82
CA GLN B 397 9.62 -13.52 3.00
C GLN B 397 9.28 -13.70 1.53
N ALA B 398 8.95 -12.61 0.85
CA ALA B 398 8.67 -12.64 -0.58
C ALA B 398 9.24 -11.36 -1.20
N ASN B 399 9.28 -11.28 -2.52
CA ASN B 399 9.88 -10.13 -3.18
C ASN B 399 8.91 -8.96 -3.22
N SER B 400 9.48 -7.76 -3.22
CA SER B 400 8.76 -6.49 -3.30
C SER B 400 7.99 -6.39 -4.61
N HIS B 401 8.51 -7.02 -5.66
CA HIS B 401 7.80 -7.10 -6.92
C HIS B 401 8.28 -8.32 -7.70
N ALA B 402 7.77 -8.50 -8.91
CA ALA B 402 8.08 -9.69 -9.71
C ALA B 402 9.58 -9.90 -9.76
N GLY B 403 10.03 -11.12 -9.49
CA GLY B 403 11.45 -11.38 -9.35
C GLY B 403 12.18 -11.27 -10.67
N TYR B 404 11.43 -11.41 -11.76
CA TYR B 404 12.03 -11.34 -13.10
C TYR B 404 12.15 -9.88 -13.54
N TYR B 405 11.62 -8.95 -12.75
CA TYR B 405 11.78 -7.53 -13.00
C TYR B 405 12.93 -6.97 -12.16
N PRO B 406 13.82 -6.14 -12.77
CA PRO B 406 14.98 -5.49 -12.14
C PRO B 406 14.77 -4.95 -10.72
N ASN B 407 15.77 -5.12 -9.87
CA ASN B 407 15.78 -4.51 -8.53
C ASN B 407 14.70 -5.01 -7.59
N ALA B 408 14.34 -6.29 -7.70
CA ALA B 408 13.39 -6.92 -6.76
C ALA B 408 14.15 -7.16 -5.46
N THR B 409 13.50 -6.83 -4.35
CA THR B 409 14.15 -6.97 -3.06
C THR B 409 13.23 -7.67 -2.07
N PRO B 410 13.79 -8.45 -1.10
CA PRO B 410 12.97 -9.16 -0.13
C PRO B 410 12.11 -8.26 0.75
N VAL B 411 10.92 -8.76 1.07
CA VAL B 411 10.00 -8.16 2.04
C VAL B 411 9.69 -9.29 3.05
N LEU B 412 10.01 -9.06 4.32
CA LEU B 412 9.71 -10.04 5.33
C LEU B 412 8.49 -9.59 6.08
N ILE B 413 7.48 -10.44 6.16
CA ILE B 413 6.26 -10.12 6.91
C ILE B 413 6.04 -11.15 8.01
N LYS B 414 5.77 -10.66 9.23
CA LYS B 414 5.43 -11.52 10.36
C LYS B 414 3.98 -11.23 10.71
N LEU B 415 3.15 -12.26 10.74
CA LEU B 415 1.75 -12.10 11.03
C LEU B 415 1.51 -12.87 12.31
N ILE B 416 0.78 -12.24 13.24
CA ILE B 416 0.40 -12.81 14.51
C ILE B 416 -1.12 -12.93 14.57
N PHE B 417 -1.63 -14.13 14.84
CA PHE B 417 -3.07 -14.36 14.71
C PHE B 417 -3.61 -15.43 15.67
N ASN B 418 -4.93 -15.50 15.76
CA ASN B 418 -5.63 -16.52 16.53
C ASN B 418 -5.83 -17.74 15.65
N LYS B 419 -5.39 -18.89 16.13
CA LYS B 419 -5.43 -20.11 15.34
C LYS B 419 -6.83 -20.67 15.09
N ASP B 420 -7.80 -20.28 15.92
CA ASP B 420 -9.17 -20.79 15.82
C ASP B 420 -9.99 -19.93 14.88
N SER B 421 -10.15 -18.67 15.25
CA SER B 421 -10.89 -17.68 14.49
C SER B 421 -10.14 -17.02 13.31
N GLY B 422 -8.81 -16.97 13.37
CA GLY B 422 -8.03 -16.30 12.34
C GLY B 422 -7.98 -14.79 12.53
N LYS B 423 -8.44 -14.32 13.68
CA LYS B 423 -8.31 -12.93 14.02
C LYS B 423 -6.83 -12.53 13.96
N ILE B 424 -6.55 -11.36 13.37
CA ILE B 424 -5.20 -10.80 13.32
C ILE B 424 -4.91 -9.98 14.57
N TYR B 425 -3.86 -10.33 15.29
CA TYR B 425 -3.45 -9.59 16.46
C TYR B 425 -2.48 -8.50 16.09
N GLY B 426 -1.61 -8.77 15.11
CA GLY B 426 -0.70 -7.74 14.65
C GLY B 426 0.20 -8.26 13.56
N ALA B 427 1.01 -7.35 13.02
CA ALA B 427 1.97 -7.69 11.94
C ALA B 427 3.19 -6.80 12.00
N GLN B 428 4.28 -7.24 11.40
CA GLN B 428 5.50 -6.49 11.40
C GLN B 428 6.10 -6.77 10.07
N THR B 429 6.77 -5.80 9.49
CA THR B 429 7.36 -5.99 8.16
C THR B 429 8.66 -5.21 8.04
N LEU B 430 9.60 -5.76 7.28
CA LEU B 430 10.81 -5.04 7.00
C LEU B 430 11.37 -5.43 5.64
N GLY B 431 12.16 -4.53 5.07
CA GLY B 431 12.85 -4.76 3.80
C GLY B 431 13.26 -3.43 3.22
N ARG B 432 13.90 -3.44 2.06
CA ARG B 432 14.42 -2.23 1.46
C ARG B 432 13.40 -1.44 0.67
N ASP B 433 12.34 -2.10 0.18
CA ASP B 433 11.24 -1.41 -0.57
C ASP B 433 9.90 -2.16 -0.48
N GLY B 434 8.81 -1.44 -0.75
CA GLY B 434 7.45 -2.01 -0.73
C GLY B 434 7.03 -2.52 0.63
N VAL B 435 7.56 -1.93 1.70
CA VAL B 435 7.21 -2.32 3.05
C VAL B 435 6.01 -1.51 3.52
N ASP B 436 6.04 -0.21 3.22
CA ASP B 436 4.98 0.70 3.67
C ASP B 436 3.64 0.34 3.02
N LYS B 437 3.70 -0.07 1.77
CA LYS B 437 2.56 -0.59 1.02
C LYS B 437 1.90 -1.79 1.72
N ARG B 438 2.70 -2.77 2.13
CA ARG B 438 2.14 -3.99 2.68
C ARG B 438 1.63 -3.78 4.11
N ASP B 440 0.33 -1.00 5.28
CA ASP B 440 -0.92 -0.24 5.13
C ASP B 440 -2.08 -1.13 4.72
N VAL B 441 -1.84 -2.05 3.79
CA VAL B 441 -2.87 -3.05 3.45
C VAL B 441 -3.33 -3.88 4.63
N ILE B 442 -2.37 -4.42 5.38
CA ILE B 442 -2.71 -5.20 6.54
C ILE B 442 -3.35 -4.35 7.65
N ALA B 443 -2.83 -3.16 7.89
CA ALA B 443 -3.46 -2.26 8.86
C ALA B 443 -4.91 -2.03 8.48
N THR B 444 -5.19 -1.82 7.19
CA THR B 444 -6.56 -1.63 6.67
C THR B 444 -7.44 -2.84 6.98
N ALA B 445 -6.89 -4.03 6.69
CA ALA B 445 -7.53 -5.31 6.95
C ALA B 445 -7.96 -5.45 8.41
N ILE B 446 -7.04 -5.18 9.32
CA ILE B 446 -7.31 -5.29 10.75
C ILE B 446 -8.42 -4.32 11.19
N LYS B 447 -8.36 -3.08 10.76
CA LYS B 447 -9.42 -2.13 11.14
C LYS B 447 -10.76 -2.49 10.49
N ALA B 448 -10.72 -3.16 9.34
CA ALA B 448 -11.96 -3.63 8.71
C ALA B 448 -12.43 -4.97 9.29
N ASN B 449 -11.70 -5.46 10.30
CA ASN B 449 -12.00 -6.73 10.98
C ASN B 449 -11.95 -7.94 10.03
N LEU B 450 -11.04 -7.92 9.08
CA LEU B 450 -10.78 -9.08 8.23
C LEU B 450 -9.90 -10.10 8.98
N THR B 451 -10.03 -11.38 8.63
CA THR B 451 -9.26 -12.43 9.27
C THR B 451 -8.14 -12.87 8.33
N VAL B 452 -7.22 -13.70 8.81
CA VAL B 452 -6.13 -14.18 7.94
C VAL B 452 -6.72 -14.89 6.75
N LEU B 453 -7.94 -15.39 6.91
CA LEU B 453 -8.62 -16.12 5.86
C LEU B 453 -9.09 -15.23 4.69
N ASP B 454 -9.23 -13.93 4.95
CA ASP B 454 -9.67 -12.94 3.97
C ASP B 454 -8.50 -12.35 3.18
N LEU B 455 -7.29 -12.45 3.74
CA LEU B 455 -6.10 -11.82 3.16
C LEU B 455 -5.78 -12.35 1.76
N PRO B 456 -5.86 -13.69 1.55
CA PRO B 456 -5.64 -14.21 0.20
C PRO B 456 -6.63 -13.71 -0.87
N ASP B 457 -7.74 -13.10 -0.45
CA ASP B 457 -8.76 -12.56 -1.37
C ASP B 457 -8.67 -11.08 -1.68
N LEU B 458 -7.65 -10.43 -1.13
CA LEU B 458 -7.41 -9.02 -1.41
C LEU B 458 -6.79 -8.85 -2.79
N GLU B 459 -7.56 -8.29 -3.69
CA GLU B 459 -7.15 -8.11 -5.08
C GLU B 459 -6.39 -6.84 -5.17
N LEU B 460 -5.07 -6.96 -5.06
CA LEU B 460 -4.18 -5.81 -5.16
C LEU B 460 -3.65 -5.71 -6.59
N SER B 461 -3.11 -4.54 -6.92
CA SER B 461 -2.68 -4.27 -8.28
C SER B 461 -1.51 -5.13 -8.64
N TYR B 462 -1.58 -5.77 -9.80
CA TYR B 462 -0.41 -6.47 -10.29
C TYR B 462 0.11 -5.91 -11.63
N ALA B 463 1.36 -5.49 -11.60
CA ALA B 463 2.18 -5.32 -12.79
C ALA B 463 3.61 -5.64 -12.34
N PRO B 464 4.45 -6.20 -13.24
CA PRO B 464 5.80 -6.57 -12.83
C PRO B 464 6.56 -5.57 -11.95
N PRO B 465 6.52 -4.25 -12.28
CA PRO B 465 7.29 -3.30 -11.47
C PRO B 465 6.79 -3.11 -10.05
N TYR B 466 5.59 -3.56 -9.72
CA TYR B 466 5.00 -3.20 -8.44
C TYR B 466 4.68 -4.37 -7.51
N SER B 467 4.45 -5.56 -8.05
CA SER B 467 3.99 -6.67 -7.24
C SER B 467 4.14 -7.95 -8.01
N SER B 468 3.60 -9.03 -7.45
CA SER B 468 3.62 -10.35 -8.10
C SER B 468 2.18 -10.82 -8.20
N ALA B 469 1.94 -11.81 -9.04
CA ALA B 469 0.59 -12.38 -9.20
C ALA B 469 -0.07 -12.72 -7.84
N LYS B 470 0.68 -13.30 -6.91
CA LYS B 470 0.25 -13.29 -5.49
C LYS B 470 1.15 -12.35 -4.69
N ASP B 471 0.60 -11.22 -4.25
CA ASP B 471 1.35 -10.24 -3.44
C ASP B 471 1.83 -10.88 -2.13
N PRO B 472 2.94 -10.37 -1.54
CA PRO B 472 3.37 -10.76 -0.20
C PRO B 472 2.26 -10.83 0.85
N VAL B 473 1.27 -9.95 0.74
CA VAL B 473 0.15 -9.95 1.66
C VAL B 473 -0.78 -11.16 1.46
N ASN B 474 -1.04 -11.54 0.20
CA ASN B 474 -1.83 -12.69 -0.10
C ASN B 474 -1.06 -13.90 0.42
N VAL B 476 1.25 -14.28 2.85
CA VAL B 476 1.17 -14.39 4.31
C VAL B 476 -0.22 -14.86 4.72
N GLY B 477 -1.24 -14.38 4.02
CA GLY B 477 -2.61 -14.88 4.17
C GLY B 477 -2.69 -16.37 3.91
N TYR B 478 -2.09 -16.87 2.83
CA TYR B 478 -2.11 -18.32 2.55
C TYR B 478 -1.37 -19.12 3.65
N ALA B 479 -0.17 -18.68 4.00
CA ALA B 479 0.60 -19.37 5.06
C ALA B 479 -0.22 -19.37 6.38
N ALA B 480 -0.81 -18.26 6.76
CA ALA B 480 -1.59 -18.25 8.01
C ALA B 480 -2.81 -19.16 7.89
N SER B 481 -3.50 -19.11 6.73
CA SER B 481 -4.68 -19.93 6.51
C SER B 481 -4.39 -21.42 6.60
N ASN B 482 -3.22 -21.83 6.11
CA ASN B 482 -2.88 -23.25 6.18
C ASN B 482 -2.74 -23.73 7.61
N ILE B 483 -2.30 -22.85 8.49
CA ILE B 483 -2.15 -23.16 9.89
C ILE B 483 -3.52 -23.20 10.57
N VAL B 484 -4.36 -22.19 10.30
CA VAL B 484 -5.72 -22.14 10.82
C VAL B 484 -6.57 -23.35 10.38
N ASP B 485 -6.35 -23.82 9.15
CA ASP B 485 -7.13 -24.92 8.62
C ASP B 485 -6.50 -26.29 8.89
N GLY B 486 -5.31 -26.30 9.50
CA GLY B 486 -4.67 -27.56 9.90
C GLY B 486 -3.93 -28.30 8.82
N PHE B 487 -3.63 -27.63 7.70
CA PHE B 487 -2.86 -28.27 6.63
C PHE B 487 -1.37 -28.41 6.93
N VAL B 488 -0.89 -27.60 7.86
CA VAL B 488 0.50 -27.64 8.25
C VAL B 488 0.66 -27.30 9.72
N ASP B 489 1.60 -27.96 10.37
CA ASP B 489 1.98 -27.60 11.74
C ASP B 489 3.40 -27.06 11.69
N THR B 490 3.68 -26.01 12.45
CA THR B 490 5.02 -25.45 12.43
C THR B 490 5.63 -25.30 13.79
N VAL B 491 6.95 -25.08 13.82
CA VAL B 491 7.64 -24.76 15.04
C VAL B 491 8.47 -23.53 14.78
N GLN B 492 8.81 -22.83 15.84
CA GLN B 492 9.52 -21.56 15.73
C GLN B 492 11.02 -21.69 15.90
N TRP B 493 11.72 -20.64 15.48
CA TRP B 493 13.19 -20.59 15.53
C TRP B 493 13.71 -20.84 16.96
N HIS B 494 12.97 -20.41 17.95
CA HIS B 494 13.39 -20.54 19.35
C HIS B 494 13.08 -21.92 19.94
N GLU B 495 12.50 -22.81 19.13
CA GLU B 495 12.13 -24.15 19.56
C GLU B 495 13.02 -25.22 18.93
N ILE B 496 13.49 -25.00 17.71
CA ILE B 496 14.10 -26.06 16.94
C ILE B 496 15.32 -26.69 17.60
N ASP B 497 16.23 -25.89 18.13
CA ASP B 497 17.46 -26.47 18.71
C ASP B 497 17.13 -27.44 19.83
N ARG B 498 16.20 -27.04 20.68
CA ARG B 498 15.76 -27.86 21.78
C ARG B 498 15.09 -29.14 21.28
N ILE B 499 14.30 -29.04 20.21
CA ILE B 499 13.68 -30.22 19.62
C ILE B 499 14.72 -31.21 19.10
N VAL B 500 15.74 -30.70 18.42
CA VAL B 500 16.82 -31.55 17.90
C VAL B 500 17.61 -32.27 19.02
N GLU B 501 17.92 -31.57 20.11
CA GLU B 501 18.55 -32.18 21.29
C GLU B 501 17.72 -33.32 21.88
N ASN B 502 16.41 -33.25 21.70
CA ASN B 502 15.48 -34.22 22.28
C ASN B 502 14.96 -35.27 21.28
N GLY B 503 15.80 -35.62 20.30
CA GLY B 503 15.50 -36.71 19.37
C GLY B 503 14.56 -36.40 18.21
N GLY B 504 14.45 -35.13 17.86
CA GLY B 504 13.72 -34.72 16.66
C GLY B 504 14.58 -34.98 15.43
N TYR B 505 13.96 -35.46 14.36
CA TYR B 505 14.68 -35.72 13.12
C TYR B 505 14.48 -34.51 12.21
N LEU B 506 15.57 -33.84 11.89
CA LEU B 506 15.53 -32.57 11.17
C LEU B 506 16.00 -32.70 9.75
N ILE B 507 15.09 -32.53 8.81
CA ILE B 507 15.41 -32.59 7.39
C ILE B 507 15.52 -31.21 6.74
N ASP B 508 16.67 -30.92 6.14
CA ASP B 508 16.90 -29.72 5.37
C ASP B 508 16.62 -30.06 3.90
N VAL B 509 15.63 -29.40 3.31
CA VAL B 509 15.24 -29.71 1.92
C VAL B 509 15.75 -28.70 0.86
N ARG B 510 16.71 -27.87 1.25
CA ARG B 510 17.38 -26.97 0.33
C ARG B 510 18.23 -27.76 -0.67
N GLU B 511 18.41 -27.22 -1.88
CA GLU B 511 19.40 -27.72 -2.84
C GLU B 511 20.78 -27.49 -2.24
N PRO B 512 21.76 -28.37 -2.52
CA PRO B 512 23.12 -28.20 -1.99
C PRO B 512 23.72 -26.80 -2.19
N ASN B 513 23.49 -26.19 -3.34
CA ASN B 513 23.99 -24.84 -3.62
C ASN B 513 23.51 -23.76 -2.64
N GLU B 514 22.40 -24.02 -1.96
CA GLU B 514 21.81 -23.09 -1.00
C GLU B 514 22.42 -23.21 0.38
N LEU B 515 23.24 -24.23 0.57
CA LEU B 515 23.81 -24.53 1.87
C LEU B 515 25.00 -23.63 2.22
N LYS B 516 25.24 -22.62 1.39
CA LYS B 516 26.37 -21.69 1.54
C LYS B 516 26.52 -21.10 2.93
N GLN B 517 25.43 -20.56 3.48
CA GLN B 517 25.52 -19.80 4.72
C GLN B 517 25.35 -20.66 5.96
N GLY B 518 25.26 -21.97 5.75
CA GLY B 518 25.22 -22.89 6.88
C GLY B 518 23.90 -23.60 7.07
N ILE B 520 21.20 -25.54 10.45
CA ILE B 520 20.81 -25.80 11.84
C ILE B 520 21.47 -27.10 12.26
N LYS B 521 22.15 -27.08 13.41
CA LYS B 521 22.76 -28.28 14.00
C LYS B 521 21.77 -29.44 14.04
N GLY B 522 22.18 -30.59 13.52
CA GLY B 522 21.34 -31.79 13.49
C GLY B 522 20.72 -32.06 12.13
N SER B 523 20.88 -31.10 11.21
CA SER B 523 20.29 -31.18 9.88
C SER B 523 20.82 -32.32 9.02
N ILE B 524 19.90 -32.91 8.28
CA ILE B 524 20.18 -33.93 7.30
C ILE B 524 19.64 -33.43 5.97
N ASN B 525 20.50 -33.25 4.98
CA ASN B 525 20.08 -32.69 3.71
C ASN B 525 19.41 -33.70 2.78
N ILE B 526 18.17 -33.42 2.39
CA ILE B 526 17.46 -34.17 1.37
C ILE B 526 16.71 -33.15 0.54
N PRO B 527 17.26 -32.74 -0.62
CA PRO B 527 16.68 -31.66 -1.45
C PRO B 527 15.24 -31.97 -1.80
N LEU B 528 14.38 -30.95 -1.84
CA LEU B 528 12.97 -31.14 -2.15
C LEU B 528 12.70 -31.97 -3.40
N ASP B 529 13.54 -31.85 -4.42
CA ASP B 529 13.30 -32.54 -5.69
C ASP B 529 13.70 -34.04 -5.69
N GLU B 530 14.53 -34.42 -4.72
CA GLU B 530 14.90 -35.83 -4.50
C GLU B 530 13.99 -36.53 -3.48
N LEU B 531 13.33 -35.76 -2.64
CA LEU B 531 12.66 -36.31 -1.47
C LEU B 531 11.69 -37.44 -1.79
N ARG B 532 10.90 -37.26 -2.84
CA ARG B 532 9.83 -38.21 -3.15
C ARG B 532 10.41 -39.55 -3.59
N ASP B 533 11.55 -39.52 -4.28
CA ASP B 533 12.26 -40.74 -4.64
C ASP B 533 13.00 -41.31 -3.44
N ARG B 534 13.35 -40.45 -2.47
CA ARG B 534 14.19 -40.89 -1.36
C ARG B 534 13.41 -41.09 -0.05
N LEU B 535 12.11 -41.34 -0.18
CA LEU B 535 11.18 -41.49 0.95
C LEU B 535 11.60 -42.51 1.98
N GLU B 536 12.14 -43.61 1.47
CA GLU B 536 12.62 -44.73 2.28
C GLU B 536 13.70 -44.35 3.29
N GLU B 537 14.16 -43.09 3.24
CA GLU B 537 15.22 -42.59 4.13
C GLU B 537 14.68 -41.84 5.34
N VAL B 538 13.42 -41.43 5.26
CA VAL B 538 12.74 -40.72 6.33
C VAL B 538 12.17 -41.77 7.31
N PRO B 539 12.55 -41.71 8.61
CA PRO B 539 12.06 -42.68 9.60
C PRO B 539 10.57 -42.48 9.92
N VAL B 540 9.81 -43.56 9.94
CA VAL B 540 8.36 -43.42 10.14
C VAL B 540 7.97 -43.40 11.63
N ASP B 541 8.90 -43.76 12.50
CA ASP B 541 8.60 -43.86 13.93
C ASP B 541 8.99 -42.60 14.71
N LYS B 542 9.35 -41.54 13.97
CA LYS B 542 9.92 -40.32 14.55
C LYS B 542 9.13 -39.09 14.15
N ASP B 543 9.22 -38.05 14.98
CA ASP B 543 8.70 -36.74 14.63
C ASP B 543 9.68 -36.15 13.64
N ILE B 544 9.18 -35.68 12.50
CA ILE B 544 10.03 -35.11 11.45
C ILE B 544 9.86 -33.60 11.50
N TYR B 545 10.99 -32.90 11.44
CA TYR B 545 11.00 -31.46 11.33
C TYR B 545 11.68 -31.09 10.01
N ILE B 546 11.06 -30.20 9.25
CA ILE B 546 11.57 -29.78 7.95
C ILE B 546 11.95 -28.33 7.96
N THR B 547 13.03 -28.02 7.30
CA THR B 547 13.46 -26.66 7.15
C THR B 547 13.96 -26.48 5.71
N CYS B 548 13.73 -25.30 5.16
CA CYS B 548 14.34 -24.91 3.91
C CYS B 548 14.94 -23.53 4.14
N GLN B 549 15.16 -22.76 3.08
CA GLN B 549 15.77 -21.44 3.20
C GLN B 549 14.82 -20.39 3.80
N LEU B 550 13.61 -20.31 3.26
CA LEU B 550 12.64 -19.34 3.69
C LEU B 550 11.37 -19.95 4.27
N GLY B 551 11.18 -21.25 4.09
CA GLY B 551 9.99 -21.89 4.62
C GLY B 551 9.02 -22.46 3.62
N ARG B 553 9.51 -24.28 0.60
CA ARG B 553 9.72 -25.65 0.20
C ARG B 553 9.60 -26.58 1.38
N GLY B 554 9.84 -26.06 2.58
CA GLY B 554 9.67 -26.84 3.77
C GLY B 554 8.19 -27.15 3.93
N TYR B 555 7.33 -26.18 3.59
CA TYR B 555 5.89 -26.36 3.61
C TYR B 555 5.45 -27.42 2.59
N VAL B 556 6.02 -27.36 1.39
CA VAL B 556 5.65 -28.29 0.36
C VAL B 556 6.13 -29.71 0.72
N ALA B 557 7.34 -29.81 1.29
CA ALA B 557 7.85 -31.11 1.72
C ALA B 557 6.94 -31.65 2.83
N ALA B 558 6.57 -30.79 3.77
CA ALA B 558 5.65 -31.18 4.85
C ALA B 558 4.36 -31.75 4.30
N ARG B 559 3.77 -31.06 3.32
CA ARG B 559 2.49 -31.52 2.76
C ARG B 559 2.67 -32.91 2.14
N LEU B 561 4.90 -35.26 2.96
CA LEU B 561 5.09 -36.27 3.98
C LEU B 561 3.84 -36.49 4.82
N GLU B 563 0.68 -36.15 3.67
CA GLU B 563 -0.17 -36.98 2.81
C GLU B 563 0.34 -38.43 2.68
N LYS B 564 1.56 -38.70 3.17
CA LYS B 564 2.12 -40.07 3.19
C LYS B 564 2.04 -40.73 4.58
N GLY B 565 1.56 -40.00 5.58
CA GLY B 565 1.32 -40.57 6.92
C GLY B 565 2.31 -40.21 8.01
N TYR B 566 3.34 -39.43 7.66
CA TYR B 566 4.34 -38.99 8.61
C TYR B 566 3.81 -37.89 9.53
N LYS B 567 4.36 -37.85 10.74
CA LYS B 567 4.15 -36.75 11.67
C LYS B 567 5.26 -35.76 11.41
N VAL B 568 4.89 -34.57 10.93
CA VAL B 568 5.90 -33.62 10.41
C VAL B 568 5.52 -32.17 10.78
N LYS B 569 6.51 -31.33 11.07
CA LYS B 569 6.32 -29.90 11.30
C LYS B 569 7.38 -29.15 10.51
N ASN B 570 7.03 -27.98 10.02
CA ASN B 570 7.89 -27.14 9.19
C ASN B 570 8.46 -26.07 10.09
N VAL B 571 9.75 -25.75 9.93
CA VAL B 571 10.34 -24.66 10.68
C VAL B 571 10.00 -23.29 10.09
N ASP B 572 9.17 -22.52 10.81
CA ASP B 572 8.73 -21.22 10.35
C ASP B 572 9.92 -20.28 10.10
N GLY B 573 9.92 -19.68 8.91
CA GLY B 573 10.98 -18.71 8.52
C GLY B 573 12.22 -19.37 7.94
N GLY B 574 12.28 -20.69 7.99
CA GLY B 574 13.44 -21.39 7.42
C GLY B 574 14.77 -21.07 8.06
N PHE B 575 15.85 -21.52 7.43
CA PHE B 575 17.18 -21.24 7.93
C PHE B 575 17.53 -19.74 7.96
N LYS B 576 17.00 -18.98 7.01
CA LYS B 576 17.35 -17.57 6.91
C LYS B 576 17.02 -16.78 8.19
N LEU B 577 15.79 -16.92 8.69
CA LEU B 577 15.41 -16.36 9.97
C LEU B 577 16.25 -16.92 11.14
N TYR B 578 16.29 -18.25 11.27
CA TYR B 578 17.12 -18.90 12.27
C TYR B 578 18.55 -18.34 12.31
N GLY B 579 19.21 -18.27 11.16
CA GLY B 579 20.61 -17.87 11.10
C GLY B 579 20.79 -16.39 11.35
N THR B 580 19.78 -15.59 11.05
CA THR B 580 19.84 -14.17 11.37
C THR B 580 19.71 -13.92 12.86
N VAL B 581 18.72 -14.56 13.50
CA VAL B 581 18.48 -14.38 14.94
C VAL B 581 19.50 -15.11 15.83
N LEU B 582 19.97 -16.28 15.40
CA LEU B 582 20.90 -17.06 16.20
C LEU B 582 22.21 -17.39 15.47
N PRO B 583 22.95 -16.36 15.01
CA PRO B 583 24.09 -16.58 14.12
C PRO B 583 25.20 -17.42 14.75
N GLU B 584 25.34 -17.36 16.07
CA GLU B 584 26.39 -18.14 16.75
C GLU B 584 26.09 -19.64 16.83
N ARG B 585 24.85 -20.02 16.49
CA ARG B 585 24.41 -21.41 16.52
C ARG B 585 24.45 -22.12 15.18
N ILE B 586 24.69 -21.35 14.11
CA ILE B 586 24.87 -21.89 12.76
C ILE B 586 26.02 -22.89 12.74
N VAL B 587 25.78 -24.03 12.10
CA VAL B 587 26.79 -25.07 11.89
C VAL B 587 27.20 -25.05 10.41
N TYR B 588 28.48 -25.31 10.16
CA TYR B 588 28.97 -25.38 8.79
C TYR B 588 29.28 -26.82 8.36
#